data_7KD4
#
_entry.id   7KD4
#
_cell.length_a   57.561
_cell.length_b   70.074
_cell.length_c   111.739
_cell.angle_alpha   90.000
_cell.angle_beta   96.472
_cell.angle_gamma   90.000
#
_symmetry.space_group_name_H-M   'P 1 21 1'
#
loop_
_entity.id
_entity.type
_entity.pdbx_description
1 polymer 'Maltodextrin-binding protein and Phosphoprotein fusion protein'
2 branched alpha-D-glucopyranose-(1-4)-alpha-D-glucopyranose
3 non-polymer 'SULFATE ION'
4 water water
#
_entity_poly.entity_id   1
_entity_poly.type   'polypeptide(L)'
_entity_poly.pdbx_seq_one_letter_code
;MKIEEGKLVIWINGDKGYNGLAEVGKKFEKDTGIKVTVEHPDKLEEKFPQVAATGDGPDIIFWAHDRFGGYAQSGLLAEI
TPAAAFQDKLYPFTWDAVRYNGKLIAYPIAVEALSLIYNKDLLPNPPKTWEEIPALDKELKAKGKSALMFNLQEPYFTWP
LIAADGGYAFKYENGKYDIKDVGVDNAGAKAGLTFLVDLIKNKHMNADTDYSIAEAAFNKGETAMTINGPWAWSNIDTSK
VNYGVTVLPTFKGQPSKPFVGVLSAGINAASPNKELAKEFLENYLLTDEGLEAVNKDKPLGAVALKSYEEELAKDPRIAA
TMENAQKGEIMPNIPQMSAFWYAVRTAVINAASGRQTVDAALAAAQTNAAAKSSAASPAALSGYKMTLLALIKESIPNQA
KRQKFEMQVGGIRNEQDFKNLRREIIRSAAQ
;
_entity_poly.pdbx_strand_id   A,B
#
loop_
_chem_comp.id
_chem_comp.type
_chem_comp.name
_chem_comp.formula
GLC D-saccharide, alpha linking alpha-D-glucopyranose 'C6 H12 O6'
SO4 non-polymer 'SULFATE ION' 'O4 S -2'
#
# COMPACT_ATOMS: atom_id res chain seq x y z
N MET A 1 8.89 -1.90 18.01
CA MET A 1 9.41 -1.59 19.37
C MET A 1 9.08 -0.14 19.70
N LYS A 2 8.49 0.08 20.87
CA LYS A 2 8.19 1.44 21.30
C LYS A 2 9.49 2.23 21.50
N ILE A 3 9.39 3.54 21.29
CA ILE A 3 10.51 4.42 21.59
C ILE A 3 10.70 4.48 23.10
N GLU A 4 11.91 4.16 23.56
CA GLU A 4 12.24 4.09 24.98
C GLU A 4 12.30 5.49 25.58
N GLU A 5 11.57 5.68 26.69
CA GLU A 5 11.62 6.93 27.43
C GLU A 5 12.90 6.99 28.26
N GLY A 6 13.51 8.17 28.26
CA GLY A 6 14.68 8.40 29.10
C GLY A 6 15.96 7.87 28.46
N LYS A 7 16.01 7.99 27.12
N LYS A 7 15.99 7.98 27.12
CA LYS A 7 17.12 7.57 26.28
CA LYS A 7 17.10 7.61 26.27
C LYS A 7 16.96 8.30 24.95
C LYS A 7 16.99 8.51 25.05
N LEU A 8 18.07 8.58 24.26
CA LEU A 8 17.97 9.14 22.92
C LEU A 8 18.58 8.16 21.94
N VAL A 9 17.80 7.84 20.90
CA VAL A 9 18.28 7.12 19.73
C VAL A 9 18.34 8.13 18.58
N ILE A 10 19.52 8.19 17.93
CA ILE A 10 19.77 9.16 16.87
C ILE A 10 20.12 8.39 15.61
N TRP A 11 19.48 8.70 14.48
CA TRP A 11 19.88 8.17 13.17
C TRP A 11 20.55 9.24 12.31
N ILE A 12 21.70 8.89 11.71
CA ILE A 12 22.44 9.79 10.83
C ILE A 12 23.05 8.94 9.72
N ASN A 13 23.30 9.53 8.55
CA ASN A 13 23.79 8.77 7.42
C ASN A 13 25.22 8.29 7.67
N GLY A 14 25.53 7.13 7.07
CA GLY A 14 26.83 6.52 7.26
C GLY A 14 28.03 7.25 6.65
N ASP A 15 27.80 8.29 5.83
CA ASP A 15 28.88 9.12 5.31
C ASP A 15 29.22 10.28 6.25
N LYS A 16 28.46 10.43 7.35
CA LYS A 16 28.64 11.55 8.29
CA LYS A 16 28.67 11.55 8.27
C LYS A 16 29.43 11.09 9.52
N GLY A 17 29.82 12.05 10.36
CA GLY A 17 30.65 11.83 11.55
C GLY A 17 29.90 11.21 12.72
N TYR A 18 29.39 9.99 12.52
CA TYR A 18 28.62 9.34 13.57
C TYR A 18 29.44 9.01 14.81
N ASN A 19 30.72 8.65 14.66
CA ASN A 19 31.55 8.43 15.82
C ASN A 19 31.77 9.71 16.64
N GLY A 20 31.97 10.83 15.96
CA GLY A 20 32.07 12.10 16.66
C GLY A 20 30.76 12.48 17.35
N LEU A 21 29.63 12.25 16.67
CA LEU A 21 28.32 12.46 17.28
C LEU A 21 28.15 11.61 18.54
N ALA A 22 28.61 10.36 18.51
CA ALA A 22 28.53 9.49 19.67
C ALA A 22 29.34 10.05 20.85
N GLU A 23 30.45 10.76 20.56
CA GLU A 23 31.24 11.39 21.60
CA GLU A 23 31.26 11.43 21.56
C GLU A 23 30.41 12.50 22.26
N VAL A 24 29.65 13.26 21.46
CA VAL A 24 28.76 14.28 22.05
C VAL A 24 27.72 13.57 22.93
N GLY A 25 27.22 12.43 22.45
CA GLY A 25 26.30 11.58 23.22
C GLY A 25 26.86 11.13 24.56
N LYS A 26 28.16 10.80 24.58
CA LYS A 26 28.85 10.40 25.80
C LYS A 26 28.90 11.55 26.83
N LYS A 27 29.11 12.76 26.33
CA LYS A 27 29.10 13.93 27.19
C LYS A 27 27.71 14.18 27.77
N PHE A 28 26.68 14.07 26.91
CA PHE A 28 25.31 14.21 27.37
C PHE A 28 25.03 13.22 28.49
N GLU A 29 25.39 11.94 28.27
CA GLU A 29 25.22 10.91 29.29
C GLU A 29 25.98 11.23 30.58
N LYS A 30 27.22 11.73 30.48
CA LYS A 30 27.99 12.07 31.66
CA LYS A 30 27.97 12.03 31.68
C LYS A 30 27.21 13.07 32.51
N ASP A 31 26.65 14.09 31.84
CA ASP A 31 25.99 15.19 32.54
C ASP A 31 24.58 14.86 33.04
N THR A 32 23.85 14.03 32.29
CA THR A 32 22.41 13.89 32.54
C THR A 32 22.07 12.47 32.97
N GLY A 33 22.98 11.53 32.67
CA GLY A 33 22.73 10.13 32.92
C GLY A 33 21.93 9.44 31.80
N ILE A 34 21.52 10.19 30.77
CA ILE A 34 20.71 9.66 29.69
C ILE A 34 21.62 9.09 28.61
N LYS A 35 21.42 7.81 28.28
CA LYS A 35 22.20 7.16 27.24
CA LYS A 35 22.20 7.16 27.24
C LYS A 35 21.77 7.67 25.86
N VAL A 36 22.77 7.88 24.99
CA VAL A 36 22.54 8.30 23.62
C VAL A 36 23.15 7.23 22.73
N THR A 37 22.31 6.65 21.88
CA THR A 37 22.78 5.66 20.94
C THR A 37 22.68 6.23 19.52
N VAL A 38 23.79 6.26 18.78
CA VAL A 38 23.82 6.73 17.41
C VAL A 38 23.89 5.55 16.47
N GLU A 39 23.00 5.53 15.48
CA GLU A 39 22.98 4.49 14.45
C GLU A 39 23.02 5.14 13.07
N HIS A 40 23.51 4.36 12.11
CA HIS A 40 23.60 4.79 10.72
C HIS A 40 23.04 3.70 9.80
N PRO A 41 21.71 3.49 9.81
CA PRO A 41 21.11 2.42 9.04
C PRO A 41 21.23 2.68 7.54
N ASP A 42 21.20 1.61 6.76
CA ASP A 42 21.20 1.75 5.31
C ASP A 42 19.87 2.35 4.87
N LYS A 43 19.89 3.00 3.70
CA LYS A 43 18.68 3.58 3.12
CA LYS A 43 18.72 3.63 3.09
C LYS A 43 17.93 4.39 4.16
N LEU A 44 18.65 5.24 4.90
CA LEU A 44 18.08 5.97 6.01
C LEU A 44 16.89 6.83 5.61
N GLU A 45 16.97 7.48 4.44
CA GLU A 45 15.95 8.45 4.02
C GLU A 45 14.62 7.75 3.72
N GLU A 46 14.68 6.42 3.49
CA GLU A 46 13.51 5.54 3.31
C GLU A 46 13.12 4.85 4.62
N LYS A 47 14.13 4.42 5.41
CA LYS A 47 13.87 3.71 6.65
CA LYS A 47 13.85 3.71 6.65
C LYS A 47 13.11 4.61 7.63
N PHE A 48 13.55 5.88 7.74
CA PHE A 48 12.93 6.77 8.70
C PHE A 48 11.42 6.91 8.45
N PRO A 49 10.95 7.34 7.24
CA PRO A 49 9.51 7.49 7.08
C PRO A 49 8.73 6.19 7.27
N GLN A 50 9.31 5.06 6.86
CA GLN A 50 8.61 3.80 7.02
C GLN A 50 8.42 3.43 8.49
N VAL A 51 9.48 3.55 9.30
CA VAL A 51 9.39 3.19 10.70
CA VAL A 51 9.40 3.19 10.70
C VAL A 51 8.65 4.25 11.50
N ALA A 52 8.93 5.54 11.24
CA ALA A 52 8.29 6.58 12.03
C ALA A 52 6.77 6.60 11.76
N ALA A 53 6.32 6.20 10.57
CA ALA A 53 4.87 6.18 10.32
C ALA A 53 4.12 5.23 11.27
N THR A 54 4.84 4.23 11.81
CA THR A 54 4.26 3.27 12.73
C THR A 54 4.20 3.83 14.16
N GLY A 55 4.79 5.00 14.39
CA GLY A 55 4.83 5.62 15.72
C GLY A 55 6.10 5.28 16.50
N ASP A 56 7.08 4.70 15.81
CA ASP A 56 8.33 4.20 16.37
C ASP A 56 9.50 4.92 15.71
N GLY A 57 10.71 4.40 15.93
CA GLY A 57 11.91 4.92 15.28
C GLY A 57 12.81 5.74 16.20
N PRO A 58 13.75 6.53 15.63
CA PRO A 58 14.71 7.27 16.44
C PRO A 58 14.04 8.49 17.06
N ASP A 59 14.56 8.95 18.19
CA ASP A 59 14.14 10.26 18.72
C ASP A 59 14.53 11.42 17.82
N ILE A 60 15.71 11.30 17.19
CA ILE A 60 16.24 12.38 16.37
C ILE A 60 16.70 11.80 15.02
N ILE A 61 16.27 12.46 13.94
CA ILE A 61 16.63 12.09 12.57
C ILE A 61 17.49 13.18 11.96
N PHE A 62 18.66 12.78 11.39
CA PHE A 62 19.49 13.68 10.61
C PHE A 62 19.42 13.31 9.13
N TRP A 63 19.15 14.31 8.30
CA TRP A 63 19.24 14.21 6.85
C TRP A 63 19.38 15.61 6.30
N ALA A 64 19.77 15.75 5.02
CA ALA A 64 19.63 17.08 4.43
C ALA A 64 18.17 17.51 4.48
N HIS A 65 17.97 18.85 4.49
CA HIS A 65 16.65 19.43 4.69
C HIS A 65 15.62 19.10 3.62
N ASP A 66 16.07 18.69 2.43
CA ASP A 66 15.13 18.54 1.32
C ASP A 66 14.04 17.52 1.62
N ARG A 67 14.32 16.51 2.45
CA ARG A 67 13.34 15.46 2.72
C ARG A 67 12.35 15.84 3.82
N PHE A 68 12.58 16.98 4.49
CA PHE A 68 11.90 17.25 5.75
C PHE A 68 10.45 17.72 5.57
N GLY A 69 10.15 18.44 4.48
CA GLY A 69 8.74 18.80 4.26
C GLY A 69 7.84 17.58 4.13
N GLY A 70 8.31 16.58 3.38
CA GLY A 70 7.56 15.34 3.29
C GLY A 70 7.42 14.63 4.64
N TYR A 71 8.50 14.59 5.45
CA TYR A 71 8.38 13.99 6.77
C TYR A 71 7.37 14.75 7.63
N ALA A 72 7.42 16.09 7.61
CA ALA A 72 6.52 16.90 8.41
C ALA A 72 5.05 16.70 8.00
N GLN A 73 4.80 16.65 6.68
CA GLN A 73 3.44 16.49 6.16
C GLN A 73 2.86 15.11 6.51
N SER A 74 3.75 14.12 6.70
CA SER A 74 3.33 12.79 7.09
C SER A 74 3.12 12.68 8.60
N GLY A 75 3.35 13.77 9.36
CA GLY A 75 3.09 13.71 10.79
C GLY A 75 4.24 13.07 11.57
N LEU A 76 5.46 13.06 10.97
CA LEU A 76 6.58 12.38 11.62
C LEU A 76 7.47 13.28 12.46
N LEU A 77 7.26 14.62 12.36
CA LEU A 77 8.18 15.56 13.01
C LEU A 77 7.47 16.50 13.98
N ALA A 78 8.09 16.65 15.14
CA ALA A 78 7.65 17.61 16.15
C ALA A 78 7.96 19.04 15.69
N GLU A 79 7.10 19.97 16.10
CA GLU A 79 7.49 21.37 16.04
C GLU A 79 8.59 21.64 17.07
N ILE A 80 9.71 22.19 16.61
CA ILE A 80 10.81 22.54 17.52
C ILE A 80 10.56 23.92 18.12
N THR A 81 11.15 24.15 19.29
CA THR A 81 10.83 25.39 20.02
C THR A 81 12.07 26.18 20.45
N PRO A 82 13.04 26.46 19.54
CA PRO A 82 14.20 27.25 19.95
C PRO A 82 13.80 28.67 20.31
N ALA A 83 14.36 29.19 21.40
CA ALA A 83 14.12 30.57 21.80
C ALA A 83 14.80 31.48 20.77
N ALA A 84 14.34 32.76 20.71
CA ALA A 84 14.98 33.72 19.81
C ALA A 84 16.49 33.78 20.05
N ALA A 85 16.90 33.77 21.32
CA ALA A 85 18.32 33.91 21.66
C ALA A 85 19.10 32.72 21.09
N PHE A 86 18.49 31.53 21.04
CA PHE A 86 19.18 30.40 20.43
C PHE A 86 19.21 30.58 18.92
N GLN A 87 18.07 30.98 18.33
CA GLN A 87 18.02 31.20 16.88
C GLN A 87 19.11 32.18 16.42
N ASP A 88 19.39 33.20 17.24
CA ASP A 88 20.39 34.19 16.88
C ASP A 88 21.80 33.61 16.74
N LYS A 89 22.02 32.42 17.32
CA LYS A 89 23.34 31.80 17.26
C LYS A 89 23.64 31.14 15.91
N LEU A 90 22.60 30.91 15.10
CA LEU A 90 22.78 30.22 13.82
C LEU A 90 22.47 31.15 12.65
N TYR A 91 23.07 30.91 11.47
CA TYR A 91 22.85 31.83 10.36
C TYR A 91 21.40 31.83 9.89
N PRO A 92 20.80 33.03 9.70
CA PRO A 92 19.46 33.11 9.11
C PRO A 92 19.23 32.29 7.83
N PHE A 93 20.22 32.24 6.93
CA PHE A 93 20.00 31.50 5.68
C PHE A 93 19.84 29.98 5.93
N THR A 94 20.36 29.48 7.05
CA THR A 94 20.17 28.07 7.39
C THR A 94 18.82 27.83 8.04
N TRP A 95 18.32 28.76 8.85
CA TRP A 95 16.97 28.62 9.38
C TRP A 95 15.91 28.58 8.27
N ASP A 96 16.17 29.28 7.16
CA ASP A 96 15.14 29.33 6.12
CA ASP A 96 15.25 29.36 6.02
C ASP A 96 14.97 27.96 5.49
N ALA A 97 16.03 27.13 5.50
CA ALA A 97 15.98 25.79 4.90
C ALA A 97 15.12 24.79 5.66
N VAL A 98 14.90 25.04 6.97
CA VAL A 98 14.17 24.13 7.84
C VAL A 98 12.82 24.71 8.26
N ARG A 99 12.33 25.71 7.50
CA ARG A 99 10.99 26.24 7.70
C ARG A 99 10.08 25.68 6.61
N TYR A 100 8.89 25.26 7.05
CA TYR A 100 7.92 24.67 6.15
C TYR A 100 6.53 25.12 6.57
N ASN A 101 5.81 25.75 5.64
CA ASN A 101 4.44 26.21 5.87
C ASN A 101 4.39 27.12 7.10
N GLY A 102 5.44 27.94 7.23
CA GLY A 102 5.40 28.94 8.28
C GLY A 102 6.00 28.51 9.61
N LYS A 103 6.43 27.23 9.75
CA LYS A 103 6.93 26.74 11.02
C LYS A 103 8.28 26.06 10.87
N LEU A 104 9.08 26.15 11.93
CA LEU A 104 10.35 25.43 11.99
C LEU A 104 10.11 23.94 12.25
N ILE A 105 10.75 23.10 11.42
CA ILE A 105 10.50 21.67 11.53
C ILE A 105 11.79 20.88 11.80
N ALA A 106 12.92 21.56 11.95
CA ALA A 106 14.19 20.91 12.26
C ALA A 106 15.23 21.95 12.64
N TYR A 107 16.31 21.47 13.28
CA TYR A 107 17.45 22.36 13.57
C TYR A 107 18.48 22.26 12.47
N PRO A 108 18.93 23.39 11.89
CA PRO A 108 19.95 23.34 10.85
C PRO A 108 21.29 23.08 11.52
N ILE A 109 22.12 22.24 10.87
CA ILE A 109 23.41 21.86 11.43
C ILE A 109 24.55 22.40 10.57
N ALA A 110 24.52 22.16 9.25
CA ALA A 110 25.67 22.53 8.42
C ALA A 110 25.28 22.54 6.94
N VAL A 111 25.96 23.37 6.16
CA VAL A 111 25.67 23.57 4.75
C VAL A 111 26.63 22.70 3.94
N GLU A 112 26.02 21.91 3.05
CA GLU A 112 26.73 20.96 2.19
C GLU A 112 26.58 21.36 0.74
N ALA A 113 27.70 21.58 0.06
CA ALA A 113 27.69 21.79 -1.37
C ALA A 113 28.83 20.95 -1.94
N LEU A 114 28.55 20.32 -3.08
CA LEU A 114 29.57 19.62 -3.86
C LEU A 114 30.63 20.58 -4.41
N SER A 115 31.88 20.12 -4.42
CA SER A 115 32.97 20.80 -5.08
C SER A 115 33.72 19.84 -5.98
N LEU A 116 34.52 20.39 -6.89
CA LEU A 116 35.51 19.61 -7.62
C LEU A 116 36.74 19.41 -6.73
N ILE A 117 37.13 18.16 -6.54
CA ILE A 117 38.29 17.78 -5.73
C ILE A 117 39.34 17.20 -6.68
N TYR A 118 40.58 17.68 -6.60
CA TYR A 118 41.57 17.26 -7.60
C TYR A 118 42.92 16.99 -6.94
N ASN A 119 43.66 16.10 -7.58
CA ASN A 119 44.97 15.64 -7.12
C ASN A 119 46.01 16.59 -7.72
N LYS A 120 46.62 17.42 -6.87
CA LYS A 120 47.55 18.46 -7.33
C LYS A 120 48.82 17.87 -7.93
N ASP A 121 49.19 16.64 -7.53
CA ASP A 121 50.36 16.01 -8.10
C ASP A 121 50.11 15.61 -9.56
N LEU A 122 48.93 15.04 -9.84
CA LEU A 122 48.54 14.61 -11.19
C LEU A 122 48.13 15.81 -12.06
N LEU A 123 47.62 16.85 -11.42
CA LEU A 123 46.88 17.90 -12.12
C LEU A 123 47.02 19.21 -11.35
N PRO A 124 48.14 19.96 -11.53
CA PRO A 124 48.36 21.20 -10.76
C PRO A 124 47.25 22.23 -10.95
N ASN A 125 46.69 22.30 -12.18
CA ASN A 125 45.66 23.26 -12.51
CA ASN A 125 45.65 23.26 -12.51
C ASN A 125 44.39 22.49 -12.87
N PRO A 126 43.29 22.66 -12.10
CA PRO A 126 42.04 21.96 -12.40
C PRO A 126 41.34 22.63 -13.58
N PRO A 127 40.52 21.85 -14.33
CA PRO A 127 39.83 22.40 -15.52
C PRO A 127 38.73 23.37 -15.13
N LYS A 128 38.62 24.48 -15.87
CA LYS A 128 37.55 25.43 -15.61
C LYS A 128 36.25 24.97 -16.27
N THR A 129 36.34 24.10 -17.29
CA THR A 129 35.17 23.67 -18.05
C THR A 129 35.01 22.16 -18.07
N TRP A 130 33.76 21.71 -18.15
CA TRP A 130 33.46 20.30 -18.38
C TRP A 130 34.01 19.88 -19.74
N GLU A 131 33.93 20.77 -20.73
CA GLU A 131 34.26 20.43 -22.12
C GLU A 131 35.72 20.02 -22.30
N GLU A 132 36.60 20.47 -21.40
CA GLU A 132 38.01 20.13 -21.54
C GLU A 132 38.37 18.80 -20.89
N ILE A 133 37.42 18.16 -20.19
CA ILE A 133 37.73 16.94 -19.44
C ILE A 133 38.08 15.76 -20.37
N PRO A 134 37.41 15.56 -21.55
CA PRO A 134 37.83 14.46 -22.44
C PRO A 134 39.31 14.50 -22.82
N ALA A 135 39.83 15.68 -23.16
CA ALA A 135 41.24 15.80 -23.53
C ALA A 135 42.15 15.51 -22.33
N LEU A 136 41.74 15.96 -21.15
CA LEU A 136 42.51 15.69 -19.96
C LEU A 136 42.58 14.18 -19.72
N ASP A 137 41.44 13.51 -19.89
CA ASP A 137 41.36 12.06 -19.71
C ASP A 137 42.28 11.34 -20.67
N LYS A 138 42.31 11.81 -21.93
CA LYS A 138 43.19 11.22 -22.92
C LYS A 138 44.65 11.25 -22.44
N GLU A 139 45.11 12.39 -21.87
CA GLU A 139 46.51 12.46 -21.46
CA GLU A 139 46.50 12.52 -21.43
C GLU A 139 46.75 11.59 -20.23
N LEU A 140 45.76 11.52 -19.33
CA LEU A 140 45.95 10.76 -18.11
C LEU A 140 45.88 9.25 -18.40
N LYS A 141 45.06 8.87 -19.37
CA LYS A 141 44.97 7.47 -19.77
C LYS A 141 46.33 7.00 -20.26
N ALA A 142 47.06 7.88 -20.96
CA ALA A 142 48.35 7.49 -21.48
C ALA A 142 49.31 7.16 -20.35
N LYS A 143 49.05 7.74 -19.16
CA LYS A 143 49.88 7.57 -17.98
C LYS A 143 49.35 6.43 -17.09
N GLY A 144 48.32 5.70 -17.57
CA GLY A 144 47.69 4.63 -16.79
C GLY A 144 46.71 5.10 -15.72
N LYS A 145 46.27 6.35 -15.85
CA LYS A 145 45.35 6.97 -14.90
C LYS A 145 44.07 7.40 -15.64
N SER A 146 43.26 8.24 -15.00
CA SER A 146 42.10 8.81 -15.67
C SER A 146 41.83 10.20 -15.10
N ALA A 147 40.97 10.95 -15.77
CA ALA A 147 40.71 12.33 -15.32
C ALA A 147 39.73 12.40 -14.15
N LEU A 148 38.59 11.68 -14.22
CA LEU A 148 37.46 12.00 -13.34
C LEU A 148 36.65 10.77 -12.98
N MET A 149 36.41 10.59 -11.67
CA MET A 149 35.49 9.56 -11.21
C MET A 149 34.66 10.09 -10.06
N PHE A 150 33.34 9.91 -10.16
CA PHE A 150 32.41 10.28 -9.10
C PHE A 150 31.18 9.39 -9.17
N ASN A 151 30.36 9.47 -8.13
CA ASN A 151 29.24 8.54 -7.97
C ASN A 151 28.18 8.83 -9.03
N LEU A 152 27.93 7.85 -9.91
CA LEU A 152 26.92 8.00 -10.96
C LEU A 152 25.61 7.30 -10.59
N GLN A 153 25.49 6.87 -9.32
CA GLN A 153 24.30 6.14 -8.88
C GLN A 153 23.31 7.03 -8.15
N GLU A 154 23.80 8.18 -7.65
CA GLU A 154 22.94 9.11 -6.92
C GLU A 154 22.88 10.39 -7.73
N PRO A 155 21.67 10.86 -8.09
CA PRO A 155 21.55 11.99 -9.01
C PRO A 155 22.01 13.31 -8.40
N TYR A 156 22.17 13.33 -7.07
CA TYR A 156 22.78 14.48 -6.40
C TYR A 156 24.08 14.91 -7.07
N PHE A 157 24.90 13.95 -7.52
CA PHE A 157 26.25 14.26 -8.01
C PHE A 157 26.25 14.75 -9.46
N THR A 158 25.23 14.37 -10.22
CA THR A 158 25.09 14.73 -11.63
CA THR A 158 25.08 14.73 -11.63
C THR A 158 24.25 16.00 -11.79
N TRP A 159 23.37 16.27 -10.81
CA TRP A 159 22.49 17.44 -10.85
C TRP A 159 23.23 18.74 -11.20
N PRO A 160 24.43 19.03 -10.64
CA PRO A 160 25.06 20.34 -10.94
C PRO A 160 25.25 20.57 -12.45
N LEU A 161 25.53 19.47 -13.15
CA LEU A 161 25.74 19.51 -14.60
C LEU A 161 24.41 19.60 -15.35
N ILE A 162 23.39 18.82 -14.92
CA ILE A 162 22.06 18.89 -15.52
C ILE A 162 21.51 20.32 -15.39
N ALA A 163 21.76 20.93 -14.24
CA ALA A 163 21.19 22.26 -13.96
C ALA A 163 21.97 23.38 -14.64
N ALA A 164 23.24 23.16 -14.98
CA ALA A 164 24.11 24.25 -15.42
C ALA A 164 23.48 25.10 -16.54
N ASP A 165 23.00 24.44 -17.60
CA ASP A 165 22.48 25.15 -18.77
C ASP A 165 20.97 25.23 -18.79
N GLY A 166 20.31 24.94 -17.65
CA GLY A 166 18.90 25.28 -17.54
C GLY A 166 17.98 24.27 -16.85
N GLY A 167 18.48 23.08 -16.54
CA GLY A 167 17.63 22.11 -15.86
C GLY A 167 17.20 22.65 -14.51
N TYR A 168 15.97 22.33 -14.11
CA TYR A 168 15.48 22.71 -12.79
C TYR A 168 14.51 21.65 -12.29
N ALA A 169 14.29 21.65 -10.97
CA ALA A 169 13.36 20.69 -10.37
C ALA A 169 11.93 21.18 -10.59
N PHE A 170 11.51 22.14 -9.79
CA PHE A 170 10.19 22.74 -9.91
C PHE A 170 10.35 24.24 -10.15
N LYS A 171 9.49 24.81 -10.99
CA LYS A 171 9.55 26.24 -11.27
C LYS A 171 9.27 27.03 -10.00
N TYR A 172 10.13 28.00 -9.71
CA TYR A 172 10.11 28.75 -8.47
C TYR A 172 9.87 30.20 -8.84
N GLU A 173 8.67 30.71 -8.52
CA GLU A 173 8.27 32.08 -8.84
C GLU A 173 7.44 32.65 -7.70
N ASN A 174 7.63 33.95 -7.38
CA ASN A 174 6.88 34.58 -6.29
C ASN A 174 7.03 33.79 -4.98
N GLY A 175 8.19 33.17 -4.81
CA GLY A 175 8.51 32.44 -3.59
C GLY A 175 7.76 31.12 -3.46
N LYS A 176 7.18 30.61 -4.55
CA LYS A 176 6.37 29.39 -4.48
C LYS A 176 6.84 28.41 -5.55
N TYR A 177 6.84 27.10 -5.23
CA TYR A 177 7.19 26.11 -6.21
C TYR A 177 5.93 25.58 -6.90
N ASP A 178 5.95 25.61 -8.22
CA ASP A 178 4.88 25.01 -8.99
C ASP A 178 5.19 23.54 -9.24
N ILE A 179 4.49 22.65 -8.54
CA ILE A 179 4.83 21.22 -8.60
C ILE A 179 4.34 20.60 -9.91
N LYS A 180 3.60 21.36 -10.73
CA LYS A 180 3.21 20.88 -12.05
C LYS A 180 4.20 21.26 -13.14
N ASP A 181 5.18 22.12 -12.81
CA ASP A 181 6.13 22.66 -13.79
C ASP A 181 7.52 22.14 -13.42
N VAL A 182 7.89 21.01 -14.04
CA VAL A 182 9.14 20.32 -13.75
C VAL A 182 10.11 20.61 -14.89
N GLY A 183 11.38 20.81 -14.54
CA GLY A 183 12.35 21.29 -15.54
C GLY A 183 13.45 20.28 -15.85
N VAL A 184 13.14 18.98 -15.75
CA VAL A 184 14.16 17.97 -15.98
C VAL A 184 14.21 17.51 -17.43
N ASP A 185 13.37 18.08 -18.31
CA ASP A 185 13.27 17.66 -19.70
C ASP A 185 13.34 18.84 -20.66
N ASN A 186 13.93 19.95 -20.21
CA ASN A 186 14.14 21.09 -21.09
C ASN A 186 15.48 20.96 -21.81
N ALA A 187 15.77 21.93 -22.68
CA ALA A 187 16.99 21.86 -23.48
C ALA A 187 18.23 21.79 -22.58
N GLY A 188 18.26 22.57 -21.48
CA GLY A 188 19.43 22.58 -20.61
C GLY A 188 19.67 21.24 -19.94
N ALA A 189 18.58 20.65 -19.45
CA ALA A 189 18.70 19.36 -18.77
C ALA A 189 19.19 18.32 -19.78
N LYS A 190 18.63 18.35 -20.99
CA LYS A 190 19.01 17.39 -22.03
C LYS A 190 20.50 17.55 -22.33
N ALA A 191 20.95 18.79 -22.46
CA ALA A 191 22.34 19.03 -22.85
C ALA A 191 23.28 18.52 -21.76
N GLY A 192 22.95 18.77 -20.49
CA GLY A 192 23.82 18.35 -19.39
C GLY A 192 23.90 16.84 -19.29
N LEU A 193 22.73 16.19 -19.33
CA LEU A 193 22.73 14.72 -19.25
C LEU A 193 23.44 14.13 -20.48
N THR A 194 23.21 14.70 -21.67
CA THR A 194 23.90 14.24 -22.87
C THR A 194 25.43 14.32 -22.71
N PHE A 195 25.93 15.41 -22.12
CA PHE A 195 27.36 15.53 -21.90
C PHE A 195 27.87 14.39 -21.02
N LEU A 196 27.14 14.11 -19.93
CA LEU A 196 27.50 13.01 -19.02
C LEU A 196 27.51 11.69 -19.78
N VAL A 197 26.43 11.43 -20.54
CA VAL A 197 26.32 10.16 -21.27
C VAL A 197 27.42 10.04 -22.31
N ASP A 198 27.78 11.15 -22.97
CA ASP A 198 28.87 11.13 -23.93
C ASP A 198 30.21 10.82 -23.24
N LEU A 199 30.45 11.36 -22.04
CA LEU A 199 31.69 11.04 -21.33
C LEU A 199 31.78 9.52 -21.15
N ILE A 200 30.65 8.91 -20.77
CA ILE A 200 30.59 7.46 -20.60
C ILE A 200 30.78 6.72 -21.93
N LYS A 201 30.05 7.10 -22.99
CA LYS A 201 30.13 6.44 -24.29
CA LYS A 201 30.13 6.45 -24.30
C LYS A 201 31.56 6.48 -24.83
N ASN A 202 32.27 7.59 -24.53
CA ASN A 202 33.63 7.81 -25.00
C ASN A 202 34.68 7.26 -24.03
N LYS A 203 34.24 6.49 -23.02
CA LYS A 203 35.08 5.75 -22.07
C LYS A 203 35.89 6.67 -21.15
N HIS A 204 35.38 7.88 -20.91
CA HIS A 204 35.99 8.76 -19.93
C HIS A 204 35.39 8.51 -18.54
N MET A 205 34.23 7.87 -18.48
CA MET A 205 33.67 7.42 -17.21
C MET A 205 32.92 6.12 -17.46
N ASN A 206 32.58 5.44 -16.37
CA ASN A 206 31.97 4.11 -16.42
C ASN A 206 30.65 4.24 -15.67
N ALA A 207 29.53 3.85 -16.31
CA ALA A 207 28.20 3.95 -15.73
C ALA A 207 28.07 3.26 -14.38
N ASP A 208 28.93 2.25 -14.13
CA ASP A 208 28.82 1.45 -12.91
C ASP A 208 29.49 2.12 -11.72
N THR A 209 30.25 3.21 -11.93
CA THR A 209 30.97 3.86 -10.83
C THR A 209 29.99 4.37 -9.77
N ASP A 210 30.25 3.97 -8.51
CA ASP A 210 29.44 4.37 -7.37
C ASP A 210 30.29 5.17 -6.38
N TYR A 211 29.72 5.47 -5.18
CA TYR A 211 30.47 6.22 -4.18
C TYR A 211 31.80 5.56 -3.81
N SER A 212 31.73 4.27 -3.44
CA SER A 212 32.89 3.55 -2.95
CA SER A 212 32.90 3.57 -2.94
C SER A 212 33.97 3.46 -4.01
N ILE A 213 33.57 3.15 -5.25
CA ILE A 213 34.52 2.95 -6.35
C ILE A 213 35.22 4.28 -6.64
N ALA A 214 34.47 5.39 -6.73
CA ALA A 214 35.10 6.67 -7.04
C ALA A 214 36.05 7.11 -5.91
N GLU A 215 35.60 6.94 -4.66
CA GLU A 215 36.41 7.31 -3.50
C GLU A 215 37.73 6.55 -3.46
N ALA A 216 37.65 5.23 -3.66
CA ALA A 216 38.87 4.43 -3.65
C ALA A 216 39.83 4.86 -4.77
N ALA A 217 39.30 5.08 -5.98
CA ALA A 217 40.13 5.48 -7.12
C ALA A 217 40.84 6.81 -6.85
N PHE A 218 40.09 7.80 -6.33
CA PHE A 218 40.72 9.07 -6.04
C PHE A 218 41.74 8.94 -4.91
N ASN A 219 41.35 8.22 -3.85
CA ASN A 219 42.18 8.15 -2.65
C ASN A 219 43.43 7.29 -2.85
N LYS A 220 43.43 6.42 -3.88
CA LYS A 220 44.59 5.62 -4.24
CA LYS A 220 44.56 5.59 -4.30
C LYS A 220 45.40 6.28 -5.38
N GLY A 221 45.01 7.48 -5.82
CA GLY A 221 45.79 8.20 -6.82
C GLY A 221 45.64 7.68 -8.25
N GLU A 222 44.52 7.02 -8.53
CA GLU A 222 44.27 6.42 -9.84
C GLU A 222 43.56 7.38 -10.78
N THR A 223 42.76 8.31 -10.23
CA THR A 223 42.02 9.29 -11.01
C THR A 223 42.37 10.67 -10.47
N ALA A 224 42.45 11.66 -11.36
CA ALA A 224 42.91 13.01 -11.04
C ALA A 224 41.87 13.83 -10.30
N MET A 225 40.58 13.49 -10.46
CA MET A 225 39.52 14.36 -9.93
C MET A 225 38.35 13.51 -9.44
N THR A 226 37.62 14.09 -8.49
CA THR A 226 36.34 13.55 -8.07
C THR A 226 35.41 14.70 -7.75
N ILE A 227 34.14 14.39 -7.51
CA ILE A 227 33.16 15.39 -7.12
C ILE A 227 32.55 14.85 -5.83
N ASN A 228 32.65 15.63 -4.76
CA ASN A 228 32.15 15.15 -3.48
C ASN A 228 31.92 16.31 -2.54
N GLY A 229 31.38 16.00 -1.38
CA GLY A 229 31.12 17.00 -0.36
C GLY A 229 32.13 16.94 0.77
N PRO A 230 32.01 17.87 1.75
CA PRO A 230 32.99 18.00 2.83
C PRO A 230 33.24 16.73 3.63
N TRP A 231 32.21 15.89 3.80
CA TRP A 231 32.37 14.65 4.57
C TRP A 231 33.49 13.77 4.01
N ALA A 232 33.74 13.84 2.69
CA ALA A 232 34.75 13.03 2.01
C ALA A 232 36.17 13.44 2.37
N TRP A 233 36.39 14.66 2.91
CA TRP A 233 37.77 15.15 3.06
C TRP A 233 38.58 14.33 4.05
N SER A 234 37.93 13.80 5.09
CA SER A 234 38.60 13.01 6.12
CA SER A 234 38.58 12.99 6.11
C SER A 234 39.38 11.86 5.49
N ASN A 235 38.73 11.10 4.61
CA ASN A 235 39.38 9.91 4.08
C ASN A 235 40.47 10.32 3.11
N ILE A 236 40.30 11.47 2.43
CA ILE A 236 41.37 11.95 1.57
C ILE A 236 42.59 12.36 2.42
N ASP A 237 42.36 13.04 3.54
CA ASP A 237 43.47 13.39 4.43
C ASP A 237 44.27 12.14 4.83
N THR A 238 43.56 11.07 5.20
CA THR A 238 44.18 9.81 5.59
C THR A 238 45.06 9.24 4.47
N SER A 239 44.60 9.39 3.22
CA SER A 239 45.27 8.83 2.05
C SER A 239 46.57 9.55 1.74
N LYS A 240 46.74 10.76 2.29
CA LYS A 240 47.87 11.66 2.04
C LYS A 240 47.99 12.12 0.58
N VAL A 241 47.00 11.84 -0.28
CA VAL A 241 46.92 12.49 -1.60
C VAL A 241 46.95 14.01 -1.38
N ASN A 242 47.74 14.70 -2.20
CA ASN A 242 47.83 16.14 -2.16
CA ASN A 242 47.85 16.14 -2.17
C ASN A 242 46.70 16.71 -3.00
N TYR A 243 45.64 17.19 -2.35
CA TYR A 243 44.44 17.56 -3.08
C TYR A 243 44.05 19.02 -2.87
N GLY A 244 43.32 19.55 -3.85
CA GLY A 244 42.63 20.83 -3.72
C GLY A 244 41.12 20.66 -3.86
N VAL A 245 40.38 21.65 -3.37
CA VAL A 245 38.92 21.71 -3.45
C VAL A 245 38.60 23.03 -4.15
N THR A 246 37.84 22.95 -5.24
CA THR A 246 37.68 24.14 -6.08
C THR A 246 36.26 24.25 -6.65
N VAL A 247 36.03 25.33 -7.40
CA VAL A 247 34.78 25.58 -8.10
C VAL A 247 34.53 24.45 -9.11
N LEU A 248 33.29 24.00 -9.21
CA LEU A 248 32.94 23.01 -10.21
C LEU A 248 33.18 23.55 -11.63
N PRO A 249 33.44 22.69 -12.63
CA PRO A 249 33.62 23.23 -13.98
C PRO A 249 32.33 23.83 -14.53
N THR A 250 32.48 24.79 -15.46
CA THR A 250 31.34 25.32 -16.19
C THR A 250 30.92 24.35 -17.29
N PHE A 251 29.68 24.48 -17.75
CA PHE A 251 29.19 23.74 -18.89
C PHE A 251 28.43 24.69 -19.81
N LYS A 252 28.79 24.72 -21.10
CA LYS A 252 28.25 25.64 -22.10
CA LYS A 252 28.24 25.64 -22.09
C LYS A 252 28.38 27.08 -21.61
N GLY A 253 29.49 27.37 -20.92
CA GLY A 253 29.78 28.70 -20.41
C GLY A 253 28.89 29.12 -19.26
N GLN A 254 28.29 28.15 -18.54
CA GLN A 254 27.43 28.46 -17.41
C GLN A 254 28.00 27.77 -16.17
N PRO A 255 28.02 28.40 -14.99
CA PRO A 255 28.43 27.68 -13.79
C PRO A 255 27.58 26.43 -13.54
N SER A 256 28.23 25.38 -13.03
CA SER A 256 27.45 24.25 -12.51
C SER A 256 26.62 24.73 -11.31
N LYS A 257 25.43 24.15 -11.13
CA LYS A 257 24.48 24.64 -10.14
CA LYS A 257 24.48 24.64 -10.14
C LYS A 257 24.13 23.50 -9.19
N PRO A 258 24.99 23.23 -8.19
CA PRO A 258 24.70 22.14 -7.27
C PRO A 258 23.44 22.47 -6.46
N PHE A 259 22.69 21.41 -6.15
CA PHE A 259 21.65 21.53 -5.15
C PHE A 259 22.31 21.45 -3.79
N VAL A 260 22.11 22.51 -3.00
CA VAL A 260 22.77 22.69 -1.70
C VAL A 260 21.88 22.13 -0.60
N GLY A 261 22.47 21.27 0.22
CA GLY A 261 21.77 20.68 1.37
C GLY A 261 22.17 21.32 2.69
N VAL A 262 21.20 21.44 3.60
CA VAL A 262 21.51 21.80 4.96
C VAL A 262 21.28 20.52 5.77
N LEU A 263 22.36 19.92 6.27
CA LEU A 263 22.21 18.80 7.19
C LEU A 263 21.36 19.30 8.37
N SER A 264 20.27 18.60 8.68
CA SER A 264 19.27 19.06 9.62
C SER A 264 18.89 17.95 10.60
N ALA A 265 18.45 18.34 11.80
CA ALA A 265 18.07 17.37 12.83
C ALA A 265 16.61 17.60 13.20
N GLY A 266 15.77 16.60 12.92
CA GLY A 266 14.38 16.67 13.33
C GLY A 266 14.12 15.80 14.54
N ILE A 267 13.06 16.13 15.27
CA ILE A 267 12.63 15.36 16.44
C ILE A 267 11.37 14.59 16.06
N ASN A 268 11.41 13.28 16.26
CA ASN A 268 10.30 12.41 15.93
C ASN A 268 9.05 12.86 16.68
N ALA A 269 7.92 13.06 15.97
CA ALA A 269 6.68 13.51 16.60
C ALA A 269 6.21 12.55 17.69
N ALA A 270 6.60 11.28 17.57
CA ALA A 270 6.21 10.24 18.53
C ALA A 270 7.23 10.08 19.67
N SER A 271 8.34 10.82 19.65
CA SER A 271 9.33 10.66 20.72
C SER A 271 8.74 11.10 22.07
N PRO A 272 8.91 10.30 23.15
CA PRO A 272 8.56 10.75 24.49
C PRO A 272 9.68 11.57 25.15
N ASN A 273 10.73 11.89 24.35
CA ASN A 273 11.94 12.50 24.85
C ASN A 273 12.21 13.83 24.15
N LYS A 274 11.13 14.57 23.84
CA LYS A 274 11.30 15.80 23.08
C LYS A 274 12.16 16.85 23.82
N GLU A 275 12.00 16.97 25.15
CA GLU A 275 12.80 17.95 25.87
C GLU A 275 14.26 17.52 25.94
N LEU A 276 14.52 16.20 26.16
CA LEU A 276 15.89 15.71 26.14
C LEU A 276 16.52 15.98 24.77
N ALA A 277 15.77 15.74 23.70
CA ALA A 277 16.27 15.98 22.35
C ALA A 277 16.60 17.45 22.11
N LYS A 278 15.73 18.36 22.61
CA LYS A 278 16.01 19.77 22.48
C LYS A 278 17.28 20.14 23.26
N GLU A 279 17.42 19.59 24.47
CA GLU A 279 18.58 19.87 25.30
C GLU A 279 19.85 19.38 24.59
N PHE A 280 19.80 18.15 24.05
CA PHE A 280 20.96 17.60 23.38
C PHE A 280 21.34 18.47 22.17
N LEU A 281 20.33 18.80 21.34
CA LEU A 281 20.63 19.49 20.09
C LEU A 281 21.13 20.91 20.35
N GLU A 282 20.43 21.63 21.21
CA GLU A 282 20.76 23.04 21.41
C GLU A 282 21.99 23.23 22.29
N ASN A 283 22.16 22.42 23.34
CA ASN A 283 23.14 22.74 24.37
C ASN A 283 24.33 21.77 24.40
N TYR A 284 24.32 20.76 23.53
CA TYR A 284 25.43 19.83 23.42
C TYR A 284 25.96 19.82 21.99
N LEU A 285 25.10 19.54 21.01
CA LEU A 285 25.58 19.46 19.63
C LEU A 285 25.90 20.83 19.04
N LEU A 286 24.97 21.76 19.12
CA LEU A 286 25.13 23.06 18.46
C LEU A 286 25.89 24.02 19.36
N THR A 287 27.11 23.57 19.72
CA THR A 287 28.08 24.33 20.50
C THR A 287 29.43 24.16 19.78
N ASP A 288 30.40 25.02 20.10
CA ASP A 288 31.72 24.85 19.48
C ASP A 288 32.28 23.45 19.74
N GLU A 289 32.12 22.97 20.98
CA GLU A 289 32.71 21.70 21.40
CA GLU A 289 32.71 21.70 21.40
C GLU A 289 32.02 20.53 20.73
N GLY A 290 30.69 20.62 20.61
CA GLY A 290 29.91 19.54 19.98
C GLY A 290 30.21 19.43 18.49
N LEU A 291 30.17 20.57 17.79
CA LEU A 291 30.41 20.54 16.36
C LEU A 291 31.86 20.17 16.04
N GLU A 292 32.82 20.61 16.88
CA GLU A 292 34.22 20.21 16.70
C GLU A 292 34.32 18.68 16.74
N ALA A 293 33.62 18.02 17.67
CA ALA A 293 33.73 16.56 17.81
C ALA A 293 33.24 15.88 16.54
N VAL A 294 32.12 16.36 15.99
CA VAL A 294 31.57 15.75 14.79
C VAL A 294 32.46 16.06 13.58
N ASN A 295 32.84 17.33 13.45
CA ASN A 295 33.64 17.81 12.32
C ASN A 295 35.01 17.14 12.24
N LYS A 296 35.62 16.83 13.40
CA LYS A 296 36.94 16.21 13.43
C LYS A 296 36.83 14.78 12.89
N ASP A 297 35.65 14.16 13.04
CA ASP A 297 35.40 12.82 12.53
C ASP A 297 35.22 12.87 11.01
N LYS A 298 34.14 13.52 10.55
CA LYS A 298 33.96 13.80 9.13
CA LYS A 298 33.97 13.80 9.12
C LYS A 298 33.53 15.26 9.00
N PRO A 299 34.21 16.07 8.16
CA PRO A 299 33.83 17.49 8.08
C PRO A 299 32.38 17.69 7.72
N LEU A 300 31.75 18.66 8.39
CA LEU A 300 30.33 18.91 8.26
C LEU A 300 30.04 19.84 7.08
N GLY A 301 31.07 20.58 6.65
CA GLY A 301 30.82 21.69 5.72
C GLY A 301 30.79 23.02 6.49
N ALA A 302 30.01 23.97 5.99
CA ALA A 302 29.93 25.30 6.60
C ALA A 302 28.87 25.26 7.70
N VAL A 303 29.31 25.17 8.96
CA VAL A 303 28.35 24.88 10.03
C VAL A 303 27.40 26.05 10.24
N ALA A 304 26.20 25.75 10.73
CA ALA A 304 25.18 26.76 10.95
C ALA A 304 25.47 27.65 12.15
N LEU A 305 26.28 27.17 13.10
CA LEU A 305 26.63 27.89 14.32
C LEU A 305 27.70 28.93 14.01
N LYS A 306 27.32 30.21 14.16
CA LYS A 306 28.19 31.33 13.81
C LYS A 306 29.55 31.22 14.51
N SER A 307 29.54 30.93 15.81
CA SER A 307 30.77 31.01 16.59
C SER A 307 31.83 30.02 16.09
N TYR A 308 31.38 28.85 15.67
CA TYR A 308 32.33 27.85 15.18
C TYR A 308 32.66 28.04 13.70
N GLU A 309 31.68 28.49 12.91
CA GLU A 309 31.93 28.74 11.50
C GLU A 309 32.94 29.89 11.31
N GLU A 310 33.00 30.83 12.26
CA GLU A 310 34.05 31.87 12.21
C GLU A 310 35.44 31.26 12.02
N GLU A 311 35.71 30.12 12.67
CA GLU A 311 37.01 29.47 12.55
C GLU A 311 37.07 28.63 11.27
N LEU A 312 36.03 27.85 11.02
CA LEU A 312 36.10 26.90 9.89
C LEU A 312 36.20 27.62 8.54
N ALA A 313 35.61 28.81 8.43
CA ALA A 313 35.55 29.52 7.16
C ALA A 313 36.89 30.09 6.71
N LYS A 314 37.91 30.03 7.57
CA LYS A 314 39.27 30.40 7.18
C LYS A 314 39.80 29.44 6.13
N ASP A 315 39.30 28.20 6.16
CA ASP A 315 39.85 27.13 5.34
C ASP A 315 39.45 27.32 3.88
N PRO A 316 40.41 27.32 2.91
CA PRO A 316 40.03 27.47 1.50
C PRO A 316 39.09 26.37 0.99
N ARG A 317 39.06 25.21 1.68
CA ARG A 317 38.14 24.15 1.27
C ARG A 317 36.70 24.57 1.57
N ILE A 318 36.49 25.31 2.66
CA ILE A 318 35.17 25.84 2.99
C ILE A 318 34.83 27.02 2.08
N ALA A 319 35.81 27.87 1.78
CA ALA A 319 35.57 28.93 0.79
C ALA A 319 35.10 28.35 -0.55
N ALA A 320 35.73 27.25 -1.00
CA ALA A 320 35.31 26.64 -2.27
C ALA A 320 33.91 26.03 -2.15
N THR A 321 33.62 25.44 -1.00
CA THR A 321 32.29 24.90 -0.74
C THR A 321 31.23 26.00 -0.91
N MET A 322 31.49 27.18 -0.33
CA MET A 322 30.51 28.24 -0.39
C MET A 322 30.51 28.95 -1.75
N GLU A 323 31.64 28.93 -2.45
CA GLU A 323 31.66 29.44 -3.82
C GLU A 323 30.72 28.61 -4.70
N ASN A 324 30.79 27.27 -4.53
CA ASN A 324 29.87 26.41 -5.25
C ASN A 324 28.43 26.60 -4.78
N ALA A 325 28.23 26.70 -3.45
CA ALA A 325 26.87 26.89 -2.92
C ALA A 325 26.20 28.12 -3.52
N GLN A 326 26.98 29.20 -3.67
CA GLN A 326 26.45 30.47 -4.19
C GLN A 326 26.04 30.38 -5.66
N LYS A 327 26.63 29.42 -6.39
CA LYS A 327 26.33 29.23 -7.79
C LYS A 327 25.13 28.28 -7.99
N GLY A 328 24.77 27.55 -6.93
CA GLY A 328 23.63 26.63 -6.93
C GLY A 328 22.44 27.20 -6.18
N GLU A 329 21.59 26.30 -5.69
CA GLU A 329 20.35 26.67 -5.05
CA GLU A 329 20.34 26.68 -5.03
C GLU A 329 20.22 25.87 -3.77
N ILE A 330 19.78 26.51 -2.68
CA ILE A 330 19.34 25.71 -1.53
C ILE A 330 18.16 24.88 -2.01
N MET A 331 18.18 23.56 -1.74
CA MET A 331 17.09 22.69 -2.22
C MET A 331 15.74 23.15 -1.69
N PRO A 332 14.66 22.96 -2.47
CA PRO A 332 13.32 22.99 -1.90
C PRO A 332 13.20 21.92 -0.82
N ASN A 333 12.29 22.14 0.13
CA ASN A 333 12.01 21.11 1.15
C ASN A 333 10.61 20.54 0.99
N ILE A 334 9.96 20.85 -0.13
CA ILE A 334 8.55 20.50 -0.32
C ILE A 334 8.40 18.98 -0.42
N PRO A 335 7.22 18.42 -0.05
CA PRO A 335 7.03 16.97 -0.13
C PRO A 335 7.32 16.29 -1.47
N GLN A 336 7.19 17.03 -2.59
CA GLN A 336 7.34 16.46 -3.92
CA GLN A 336 7.35 16.50 -3.93
C GLN A 336 8.81 16.20 -4.26
N MET A 337 9.74 16.63 -3.38
CA MET A 337 11.16 16.36 -3.61
C MET A 337 11.48 14.88 -3.73
N SER A 338 10.76 14.01 -2.99
CA SER A 338 11.04 12.59 -3.06
CA SER A 338 10.94 12.57 -3.04
C SER A 338 10.78 12.06 -4.47
N ALA A 339 9.65 12.47 -5.10
CA ALA A 339 9.30 12.05 -6.46
C ALA A 339 10.28 12.63 -7.49
N PHE A 340 10.69 13.89 -7.31
CA PHE A 340 11.72 14.48 -8.15
C PHE A 340 12.98 13.62 -8.15
N TRP A 341 13.47 13.27 -6.95
CA TRP A 341 14.75 12.58 -6.84
C TRP A 341 14.63 11.17 -7.42
N TYR A 342 13.51 10.50 -7.15
CA TYR A 342 13.26 9.20 -7.76
C TYR A 342 13.35 9.30 -9.29
N ALA A 343 12.69 10.33 -9.85
CA ALA A 343 12.59 10.43 -11.29
C ALA A 343 13.96 10.63 -11.90
N VAL A 344 14.75 11.54 -11.31
CA VAL A 344 16.06 11.84 -11.88
C VAL A 344 17.04 10.68 -11.63
N ARG A 345 16.95 10.02 -10.46
CA ARG A 345 17.78 8.84 -10.22
C ARG A 345 17.61 7.82 -11.34
N THR A 346 16.34 7.53 -11.67
CA THR A 346 16.00 6.55 -12.69
C THR A 346 16.54 6.97 -14.06
N ALA A 347 16.33 8.24 -14.40
CA ALA A 347 16.73 8.73 -15.71
C ALA A 347 18.25 8.67 -15.87
N VAL A 348 19.00 9.11 -14.84
CA VAL A 348 20.45 9.12 -14.97
C VAL A 348 20.99 7.70 -15.14
N ILE A 349 20.51 6.78 -14.30
CA ILE A 349 20.95 5.39 -14.39
C ILE A 349 20.64 4.79 -15.76
N ASN A 350 19.41 5.00 -16.24
CA ASN A 350 18.98 4.36 -17.48
C ASN A 350 19.71 4.97 -18.69
N ALA A 351 19.86 6.30 -18.70
CA ALA A 351 20.59 6.92 -19.81
C ALA A 351 22.08 6.56 -19.76
N ALA A 352 22.69 6.61 -18.57
CA ALA A 352 24.11 6.29 -18.43
C ALA A 352 24.42 4.87 -18.90
N SER A 353 23.46 3.96 -18.74
CA SER A 353 23.64 2.56 -19.14
C SER A 353 23.83 2.42 -20.65
N GLY A 354 23.36 3.41 -21.42
CA GLY A 354 23.45 3.43 -22.88
C GLY A 354 22.31 2.68 -23.55
N ARG A 355 21.39 2.12 -22.75
CA ARG A 355 20.33 1.27 -23.28
C ARG A 355 19.04 2.06 -23.55
N GLN A 356 18.94 3.29 -22.99
CA GLN A 356 17.83 4.22 -23.25
CA GLN A 356 17.85 4.21 -23.26
C GLN A 356 18.45 5.56 -23.62
N THR A 357 17.86 6.25 -24.60
CA THR A 357 18.34 7.59 -24.96
C THR A 357 18.09 8.57 -23.82
N VAL A 358 18.88 9.65 -23.84
CA VAL A 358 18.69 10.75 -22.93
C VAL A 358 17.27 11.29 -23.10
N ASP A 359 16.84 11.51 -24.35
CA ASP A 359 15.53 12.16 -24.51
C ASP A 359 14.42 11.27 -23.96
N ALA A 360 14.52 9.96 -24.20
CA ALA A 360 13.50 9.06 -23.66
C ALA A 360 13.51 9.03 -22.13
N ALA A 361 14.72 8.91 -21.54
CA ALA A 361 14.89 8.91 -20.09
C ALA A 361 14.32 10.18 -19.44
N LEU A 362 14.63 11.35 -20.02
CA LEU A 362 14.19 12.58 -19.38
C LEU A 362 12.71 12.86 -19.64
N ALA A 363 12.16 12.39 -20.77
CA ALA A 363 10.72 12.54 -20.98
C ALA A 363 9.97 11.78 -19.87
N ALA A 364 10.42 10.54 -19.59
CA ALA A 364 9.82 9.74 -18.53
C ALA A 364 10.04 10.41 -17.16
N ALA A 365 11.20 11.02 -16.97
CA ALA A 365 11.49 11.66 -15.69
C ALA A 365 10.54 12.83 -15.46
N GLN A 366 10.21 13.56 -16.52
CA GLN A 366 9.32 14.71 -16.35
C GLN A 366 7.97 14.25 -15.84
N THR A 367 7.42 13.19 -16.43
CA THR A 367 6.13 12.63 -16.05
CA THR A 367 6.11 12.75 -15.99
C THR A 367 6.22 12.06 -14.64
N ASN A 368 7.31 11.32 -14.38
CA ASN A 368 7.49 10.65 -13.09
C ASN A 368 7.61 11.67 -11.96
N ALA A 369 8.27 12.80 -12.22
CA ALA A 369 8.51 13.80 -11.17
C ALA A 369 7.24 14.51 -10.75
N ALA A 370 6.27 14.65 -11.67
CA ALA A 370 5.07 15.45 -11.41
C ALA A 370 3.90 14.57 -10.99
N ALA A 371 4.08 13.25 -11.03
CA ALA A 371 3.04 12.28 -10.70
C ALA A 371 2.48 12.53 -9.30
N LYS A 372 1.13 12.64 -9.21
CA LYS A 372 0.39 12.77 -7.96
C LYS A 372 -0.97 12.08 -8.10
N SER A 373 -1.64 11.83 -6.97
CA SER A 373 -2.94 11.18 -6.92
C SER A 373 -4.05 12.15 -7.38
N SER A 374 -5.29 11.64 -7.46
CA SER A 374 -6.49 12.41 -7.79
C SER A 374 -6.64 13.56 -6.79
N ALA A 375 -7.17 14.70 -7.25
CA ALA A 375 -7.43 15.82 -6.37
C ALA A 375 -8.93 16.04 -6.21
N ALA A 376 -9.37 16.29 -4.97
CA ALA A 376 -10.71 16.83 -4.76
C ALA A 376 -10.77 18.25 -5.36
N SER A 377 -12.00 18.75 -5.58
CA SER A 377 -12.19 20.14 -5.96
C SER A 377 -11.68 21.04 -4.84
N PRO A 378 -11.27 22.30 -5.11
N PRO A 378 -11.24 22.28 -5.14
CA PRO A 378 -10.77 23.11 -4.00
CA PRO A 378 -10.78 23.17 -4.07
C PRO A 378 -11.80 23.33 -2.89
C PRO A 378 -11.78 23.40 -2.92
N ALA A 379 -13.07 23.55 -3.25
CA ALA A 379 -14.11 23.75 -2.24
C ALA A 379 -14.22 22.54 -1.31
N ALA A 380 -14.28 21.35 -1.92
CA ALA A 380 -14.43 20.13 -1.12
C ALA A 380 -13.22 19.93 -0.22
N LEU A 381 -12.03 20.16 -0.79
CA LEU A 381 -10.80 19.96 -0.01
C LEU A 381 -10.73 20.90 1.21
N SER A 382 -11.06 22.19 1.01
CA SER A 382 -11.08 23.09 2.15
C SER A 382 -12.06 22.64 3.22
N GLY A 383 -13.21 22.11 2.81
CA GLY A 383 -14.19 21.67 3.80
C GLY A 383 -13.67 20.46 4.60
N TYR A 384 -12.95 19.56 3.92
CA TYR A 384 -12.34 18.42 4.61
C TYR A 384 -11.30 18.88 5.63
N LYS A 385 -10.45 19.83 5.19
CA LYS A 385 -9.36 20.29 6.05
C LYS A 385 -9.94 20.99 7.29
N MET A 386 -10.95 21.87 7.07
CA MET A 386 -11.53 22.56 8.22
C MET A 386 -12.25 21.61 9.18
N THR A 387 -12.89 20.56 8.65
CA THR A 387 -13.51 19.55 9.50
C THR A 387 -12.44 18.90 10.39
N LEU A 388 -11.35 18.45 9.76
CA LEU A 388 -10.32 17.76 10.52
C LEU A 388 -9.66 18.66 11.54
N LEU A 389 -9.38 19.94 11.15
CA LEU A 389 -8.72 20.84 12.10
C LEU A 389 -9.61 21.02 13.34
N ALA A 390 -10.91 21.24 13.15
CA ALA A 390 -11.79 21.40 14.29
C ALA A 390 -11.85 20.11 15.11
N LEU A 391 -11.82 18.94 14.44
CA LEU A 391 -11.89 17.67 15.14
C LEU A 391 -10.65 17.48 16.01
N ILE A 392 -9.48 17.82 15.46
CA ILE A 392 -8.23 17.64 16.21
C ILE A 392 -8.24 18.53 17.44
N LYS A 393 -8.64 19.79 17.25
CA LYS A 393 -8.61 20.73 18.35
C LYS A 393 -9.58 20.30 19.47
N GLU A 394 -10.73 19.71 19.07
CA GLU A 394 -11.76 19.27 20.03
C GLU A 394 -11.30 18.01 20.77
N SER A 395 -10.71 17.07 20.04
CA SER A 395 -10.77 15.67 20.47
C SER A 395 -9.43 15.04 20.86
N ILE A 396 -8.30 15.69 20.58
CA ILE A 396 -6.99 15.07 20.76
C ILE A 396 -6.31 15.80 21.92
N PRO A 397 -6.30 15.21 23.15
CA PRO A 397 -5.79 15.96 24.29
C PRO A 397 -4.27 16.12 24.37
N ASN A 398 -3.51 15.35 23.60
CA ASN A 398 -2.05 15.40 23.66
C ASN A 398 -1.53 16.42 22.63
N GLN A 399 -0.71 17.38 23.07
CA GLN A 399 -0.25 18.47 22.20
C GLN A 399 0.58 17.96 21.02
N ALA A 400 1.53 17.05 21.25
CA ALA A 400 2.38 16.62 20.16
C ALA A 400 1.53 15.88 19.12
N LYS A 401 0.53 15.12 19.58
CA LYS A 401 -0.36 14.41 18.67
CA LYS A 401 -0.32 14.43 18.64
C LYS A 401 -1.18 15.41 17.85
N ARG A 402 -1.69 16.47 18.52
CA ARG A 402 -2.43 17.51 17.81
C ARG A 402 -1.54 18.13 16.73
N GLN A 403 -0.32 18.47 17.10
CA GLN A 403 0.56 19.20 16.21
C GLN A 403 0.92 18.35 14.99
N LYS A 404 1.11 17.03 15.22
CA LYS A 404 1.46 16.19 14.08
C LYS A 404 0.22 15.98 13.21
N PHE A 405 -0.96 15.80 13.82
CA PHE A 405 -2.18 15.58 13.04
C PHE A 405 -2.48 16.83 12.21
N GLU A 406 -2.26 18.04 12.75
CA GLU A 406 -2.58 19.25 11.98
C GLU A 406 -1.65 19.37 10.77
N MET A 407 -0.39 18.94 10.91
CA MET A 407 0.49 18.89 9.76
C MET A 407 0.02 17.87 8.72
N GLN A 408 -0.48 16.71 9.16
CA GLN A 408 -1.05 15.74 8.24
C GLN A 408 -2.23 16.36 7.48
N VAL A 409 -3.03 17.22 8.13
CA VAL A 409 -4.18 17.79 7.43
C VAL A 409 -3.71 18.56 6.20
N GLY A 410 -2.55 19.21 6.32
CA GLY A 410 -2.01 19.95 5.20
C GLY A 410 -1.72 19.12 3.97
N GLY A 411 -1.51 17.81 4.15
CA GLY A 411 -1.18 16.97 3.01
C GLY A 411 -2.36 16.23 2.37
N ILE A 412 -3.56 16.31 2.95
CA ILE A 412 -4.66 15.60 2.29
C ILE A 412 -4.96 16.27 0.96
N ARG A 413 -5.28 15.45 -0.06
CA ARG A 413 -5.53 16.00 -1.38
CA ARG A 413 -5.50 15.95 -1.41
C ARG A 413 -6.90 15.62 -1.92
N ASN A 414 -7.59 14.69 -1.27
CA ASN A 414 -8.85 14.18 -1.82
C ASN A 414 -9.70 13.57 -0.70
N GLU A 415 -10.90 13.08 -1.04
CA GLU A 415 -11.82 12.58 -0.05
C GLU A 415 -11.27 11.29 0.60
N GLN A 416 -10.57 10.47 -0.17
CA GLN A 416 -10.00 9.28 0.44
C GLN A 416 -8.97 9.64 1.53
N ASP A 417 -8.13 10.65 1.24
CA ASP A 417 -7.11 11.09 2.20
C ASP A 417 -7.80 11.60 3.46
N PHE A 418 -8.86 12.40 3.26
CA PHE A 418 -9.67 12.90 4.37
C PHE A 418 -10.19 11.76 5.24
N LYS A 419 -10.77 10.74 4.59
CA LYS A 419 -11.37 9.62 5.32
C LYS A 419 -10.31 8.83 6.08
N ASN A 420 -9.12 8.66 5.48
CA ASN A 420 -8.07 7.89 6.14
C ASN A 420 -7.57 8.65 7.36
N LEU A 421 -7.34 9.98 7.19
CA LEU A 421 -6.83 10.78 8.31
C LEU A 421 -7.89 10.88 9.42
N ARG A 422 -9.16 11.01 9.02
CA ARG A 422 -10.26 10.96 9.97
C ARG A 422 -10.19 9.68 10.82
N ARG A 423 -9.96 8.53 10.20
CA ARG A 423 -9.86 7.25 10.92
CA ARG A 423 -9.86 7.26 10.90
C ARG A 423 -8.69 7.31 11.89
N GLU A 424 -7.54 7.85 11.46
CA GLU A 424 -6.38 7.96 12.36
C GLU A 424 -6.73 8.81 13.58
N ILE A 425 -7.43 9.92 13.35
CA ILE A 425 -7.76 10.82 14.45
C ILE A 425 -8.80 10.17 15.39
N ILE A 426 -9.86 9.56 14.82
CA ILE A 426 -10.91 8.94 15.64
C ILE A 426 -10.36 7.77 16.46
N ARG A 427 -9.38 7.02 15.89
CA ARG A 427 -8.88 5.81 16.55
C ARG A 427 -7.95 6.15 17.71
N SER A 428 -7.42 7.39 17.73
CA SER A 428 -6.43 7.81 18.69
C SER A 428 -6.96 7.59 20.11
N ALA A 429 -6.09 7.07 20.96
CA ALA A 429 -6.50 6.78 22.34
C ALA A 429 -5.60 7.55 23.30
N ALA A 430 -5.78 7.27 24.60
CA ALA A 430 -5.09 7.99 25.67
C ALA A 430 -3.58 7.74 25.55
N GLN A 431 -2.83 8.85 25.62
CA GLN A 431 -1.39 8.87 25.37
C GLN A 431 -0.63 8.23 26.54
N MET B 1 -43.27 -4.07 3.04
CA MET B 1 -44.17 -4.44 1.94
C MET B 1 -44.16 -5.97 1.80
N LYS B 2 -45.35 -6.57 1.79
CA LYS B 2 -45.47 -8.02 1.71
C LYS B 2 -44.86 -8.47 0.39
N ILE B 3 -44.42 -9.73 0.34
CA ILE B 3 -43.98 -10.27 -0.93
C ILE B 3 -45.23 -10.50 -1.78
N GLU B 4 -45.26 -9.90 -2.97
CA GLU B 4 -46.40 -10.00 -3.88
C GLU B 4 -46.56 -11.43 -4.42
N GLU B 5 -47.79 -11.94 -4.36
CA GLU B 5 -48.10 -13.23 -4.96
C GLU B 5 -48.22 -13.11 -6.48
N GLY B 6 -47.71 -14.13 -7.20
CA GLY B 6 -47.86 -14.17 -8.64
C GLY B 6 -46.92 -13.20 -9.37
N LYS B 7 -45.72 -13.09 -8.80
CA LYS B 7 -44.61 -12.28 -9.31
CA LYS B 7 -44.62 -12.27 -9.29
C LYS B 7 -43.34 -12.90 -8.75
N LEU B 8 -42.21 -12.66 -9.42
CA LEU B 8 -40.93 -13.00 -8.81
C LEU B 8 -40.05 -11.76 -8.71
N VAL B 9 -39.56 -11.48 -7.51
CA VAL B 9 -38.52 -10.48 -7.29
C VAL B 9 -37.22 -11.25 -6.99
N ILE B 10 -36.15 -10.91 -7.71
CA ILE B 10 -34.89 -11.63 -7.63
C ILE B 10 -33.81 -10.61 -7.31
N TRP B 11 -33.00 -10.89 -6.29
CA TRP B 11 -31.84 -10.04 -5.97
C TRP B 11 -30.53 -10.75 -6.31
N ILE B 12 -29.63 -10.04 -7.00
CA ILE B 12 -28.32 -10.59 -7.38
C ILE B 12 -27.31 -9.46 -7.29
N ASN B 13 -26.04 -9.78 -7.02
CA ASN B 13 -25.05 -8.73 -6.84
C ASN B 13 -24.83 -7.93 -8.13
N GLY B 14 -24.40 -6.67 -7.94
CA GLY B 14 -24.21 -5.74 -9.02
C GLY B 14 -23.01 -6.03 -9.92
N ASP B 15 -22.13 -6.95 -9.52
CA ASP B 15 -21.04 -7.36 -10.38
C ASP B 15 -21.40 -8.54 -11.30
N LYS B 16 -22.62 -9.08 -11.17
CA LYS B 16 -23.03 -10.23 -11.96
CA LYS B 16 -23.06 -10.24 -11.94
C LYS B 16 -23.93 -9.80 -13.13
N GLY B 17 -24.29 -10.77 -13.97
CA GLY B 17 -25.04 -10.52 -15.18
C GLY B 17 -26.54 -10.31 -14.96
N TYR B 18 -26.90 -9.25 -14.22
CA TYR B 18 -28.30 -8.98 -13.91
C TYR B 18 -29.13 -8.64 -15.15
N ASN B 19 -28.52 -8.02 -16.17
CA ASN B 19 -29.32 -7.73 -17.35
C ASN B 19 -29.62 -9.02 -18.10
N GLY B 20 -28.64 -9.91 -18.21
CA GLY B 20 -28.91 -11.22 -18.80
C GLY B 20 -29.94 -12.02 -18.01
N LEU B 21 -29.86 -11.95 -16.68
CA LEU B 21 -30.85 -12.61 -15.83
C LEU B 21 -32.25 -12.02 -16.09
N ALA B 22 -32.35 -10.70 -16.30
CA ALA B 22 -33.64 -10.08 -16.64
C ALA B 22 -34.18 -10.59 -17.99
N GLU B 23 -33.28 -10.93 -18.95
CA GLU B 23 -33.70 -11.54 -20.22
CA GLU B 23 -33.69 -11.55 -20.21
C GLU B 23 -34.37 -12.89 -19.95
N VAL B 24 -33.80 -13.70 -19.03
CA VAL B 24 -34.43 -14.97 -18.67
C VAL B 24 -35.81 -14.69 -18.04
N GLY B 25 -35.86 -13.64 -17.21
CA GLY B 25 -37.12 -13.20 -16.60
C GLY B 25 -38.18 -12.84 -17.64
N LYS B 26 -37.75 -12.21 -18.73
CA LYS B 26 -38.67 -11.84 -19.80
C LYS B 26 -39.24 -13.08 -20.47
N LYS B 27 -38.40 -14.11 -20.67
CA LYS B 27 -38.87 -15.34 -21.27
C LYS B 27 -39.89 -16.01 -20.35
N PHE B 28 -39.57 -16.05 -19.06
CA PHE B 28 -40.49 -16.60 -18.06
C PHE B 28 -41.84 -15.90 -18.13
N GLU B 29 -41.82 -14.57 -18.20
CA GLU B 29 -43.05 -13.79 -18.30
C GLU B 29 -43.81 -14.09 -19.59
N LYS B 30 -43.09 -14.25 -20.71
CA LYS B 30 -43.75 -14.54 -21.99
C LYS B 30 -44.52 -15.85 -21.89
N ASP B 31 -43.90 -16.84 -21.23
CA ASP B 31 -44.48 -18.17 -21.19
C ASP B 31 -45.58 -18.29 -20.14
N THR B 32 -45.42 -17.61 -18.99
CA THR B 32 -46.27 -17.89 -17.82
C THR B 32 -47.15 -16.70 -17.45
N GLY B 33 -46.82 -15.51 -17.97
CA GLY B 33 -47.52 -14.29 -17.59
C GLY B 33 -47.03 -13.65 -16.29
N ILE B 34 -46.04 -14.30 -15.64
CA ILE B 34 -45.59 -13.84 -14.34
C ILE B 34 -44.42 -12.89 -14.55
N LYS B 35 -44.57 -11.66 -14.05
CA LYS B 35 -43.50 -10.67 -14.14
C LYS B 35 -42.33 -11.08 -13.24
N VAL B 36 -41.11 -10.89 -13.75
CA VAL B 36 -39.91 -11.14 -12.98
C VAL B 36 -39.15 -9.81 -12.93
N THR B 37 -38.84 -9.35 -11.72
CA THR B 37 -38.09 -8.12 -11.54
C THR B 37 -36.75 -8.47 -10.89
N VAL B 38 -35.66 -8.13 -11.57
CA VAL B 38 -34.31 -8.36 -11.07
C VAL B 38 -33.78 -7.06 -10.49
N GLU B 39 -33.30 -7.10 -9.24
CA GLU B 39 -32.64 -5.96 -8.63
CA GLU B 39 -32.66 -5.96 -8.60
C GLU B 39 -31.25 -6.34 -8.15
N HIS B 40 -30.38 -5.34 -8.02
CA HIS B 40 -29.03 -5.51 -7.54
C HIS B 40 -28.73 -4.49 -6.45
N PRO B 41 -29.35 -4.60 -5.26
CA PRO B 41 -29.15 -3.59 -4.24
C PRO B 41 -27.71 -3.58 -3.72
N ASP B 42 -27.29 -2.43 -3.20
CA ASP B 42 -26.01 -2.32 -2.52
C ASP B 42 -26.02 -3.17 -1.26
N LYS B 43 -24.84 -3.67 -0.87
CA LYS B 43 -24.68 -4.45 0.37
C LYS B 43 -25.73 -5.55 0.46
N LEU B 44 -25.92 -6.22 -0.66
CA LEU B 44 -26.94 -7.23 -0.81
C LEU B 44 -26.87 -8.32 0.26
N GLU B 45 -25.66 -8.73 0.62
CA GLU B 45 -25.47 -9.84 1.55
C GLU B 45 -25.89 -9.48 2.96
N GLU B 46 -25.97 -8.18 3.26
CA GLU B 46 -26.49 -7.60 4.50
C GLU B 46 -27.98 -7.28 4.37
N LYS B 47 -28.38 -6.74 3.20
CA LYS B 47 -29.77 -6.32 2.99
CA LYS B 47 -29.77 -6.32 3.01
C LYS B 47 -30.72 -7.52 3.05
N PHE B 48 -30.30 -8.62 2.40
CA PHE B 48 -31.18 -9.77 2.37
C PHE B 48 -31.57 -10.25 3.76
N PRO B 49 -30.61 -10.56 4.67
CA PRO B 49 -31.06 -11.08 5.97
C PRO B 49 -31.85 -10.05 6.78
N GLN B 50 -31.55 -8.75 6.57
CA GLN B 50 -32.23 -7.72 7.33
C GLN B 50 -33.71 -7.60 6.91
N VAL B 51 -34.00 -7.67 5.61
CA VAL B 51 -35.37 -7.54 5.18
CA VAL B 51 -35.37 -7.55 5.13
C VAL B 51 -36.10 -8.89 5.29
N ALA B 52 -35.41 -9.99 4.98
CA ALA B 52 -36.09 -11.28 5.05
C ALA B 52 -36.48 -11.66 6.48
N ALA B 53 -35.77 -11.16 7.50
CA ALA B 53 -36.13 -11.49 8.87
C ALA B 53 -37.51 -10.95 9.26
N THR B 54 -38.03 -9.94 8.54
CA THR B 54 -39.35 -9.37 8.79
C THR B 54 -40.42 -10.12 7.98
N GLY B 55 -40.00 -11.08 7.16
CA GLY B 55 -40.91 -11.89 6.38
C GLY B 55 -41.14 -11.31 4.99
N ASP B 56 -40.29 -10.34 4.62
CA ASP B 56 -40.39 -9.69 3.31
C ASP B 56 -39.13 -9.97 2.49
N GLY B 57 -38.94 -9.21 1.41
CA GLY B 57 -37.74 -9.31 0.58
C GLY B 57 -38.01 -9.99 -0.75
N PRO B 58 -36.93 -10.38 -1.46
CA PRO B 58 -37.07 -11.02 -2.75
C PRO B 58 -37.58 -12.45 -2.61
N ASP B 59 -38.20 -12.96 -3.67
CA ASP B 59 -38.55 -14.38 -3.73
C ASP B 59 -37.29 -15.22 -3.84
N ILE B 60 -36.28 -14.72 -4.56
CA ILE B 60 -35.06 -15.49 -4.84
C ILE B 60 -33.86 -14.61 -4.52
N ILE B 61 -32.89 -15.17 -3.79
CA ILE B 61 -31.66 -14.49 -3.41
C ILE B 61 -30.48 -15.21 -4.06
N PHE B 62 -29.60 -14.44 -4.73
CA PHE B 62 -28.36 -14.99 -5.26
C PHE B 62 -27.18 -14.44 -4.46
N TRP B 63 -26.30 -15.34 -4.04
CA TRP B 63 -24.99 -14.97 -3.49
C TRP B 63 -24.10 -16.19 -3.57
N ALA B 64 -22.79 -16.01 -3.35
CA ALA B 64 -21.97 -17.21 -3.11
C ALA B 64 -22.51 -18.01 -1.93
N HIS B 65 -22.28 -19.33 -1.99
CA HIS B 65 -22.86 -20.28 -1.04
C HIS B 65 -22.41 -20.08 0.40
N ASP B 66 -21.29 -19.37 0.64
CA ASP B 66 -20.78 -19.30 2.00
C ASP B 66 -21.75 -18.63 2.97
N ARG B 67 -22.59 -17.69 2.50
CA ARG B 67 -23.54 -17.02 3.39
C ARG B 67 -24.80 -17.81 3.68
N PHE B 68 -24.98 -18.95 2.99
CA PHE B 68 -26.29 -19.59 2.98
C PHE B 68 -26.63 -20.37 4.28
N GLY B 69 -25.64 -20.95 4.95
CA GLY B 69 -25.92 -21.64 6.21
C GLY B 69 -26.49 -20.67 7.24
N GLY B 70 -25.90 -19.47 7.30
CA GLY B 70 -26.39 -18.44 8.20
C GLY B 70 -27.83 -18.04 7.84
N TYR B 71 -28.12 -17.87 6.53
CA TYR B 71 -29.48 -17.53 6.12
C TYR B 71 -30.47 -18.63 6.53
N ALA B 72 -30.07 -19.88 6.29
CA ALA B 72 -30.94 -21.00 6.59
C ALA B 72 -31.20 -21.15 8.10
N GLN B 73 -30.15 -20.97 8.91
CA GLN B 73 -30.28 -21.10 10.36
C GLN B 73 -31.18 -19.99 10.92
N SER B 74 -31.19 -18.83 10.25
CA SER B 74 -32.04 -17.72 10.66
C SER B 74 -33.49 -17.88 10.20
N GLY B 75 -33.81 -18.98 9.49
CA GLY B 75 -35.18 -19.22 9.06
C GLY B 75 -35.58 -18.43 7.82
N LEU B 76 -34.60 -18.07 6.98
CA LEU B 76 -34.88 -17.18 5.86
C LEU B 76 -35.03 -17.94 4.54
N LEU B 77 -34.71 -19.25 4.56
CA LEU B 77 -34.64 -20.00 3.29
C LEU B 77 -35.55 -21.21 3.33
N ALA B 78 -36.28 -21.39 2.24
CA ALA B 78 -37.11 -22.56 2.04
C ALA B 78 -36.25 -23.78 1.72
N GLU B 79 -36.78 -24.96 2.08
CA GLU B 79 -36.17 -26.18 1.57
C GLU B 79 -36.49 -26.34 0.09
N ILE B 80 -35.47 -26.52 -0.75
CA ILE B 80 -35.71 -26.75 -2.18
C ILE B 80 -35.96 -28.23 -2.44
N THR B 81 -36.70 -28.51 -3.54
CA THR B 81 -37.16 -29.87 -3.81
C THR B 81 -36.81 -30.35 -5.22
N PRO B 82 -35.56 -30.19 -5.71
CA PRO B 82 -35.21 -30.73 -7.03
C PRO B 82 -35.31 -32.26 -7.07
N ALA B 83 -35.92 -32.78 -8.14
CA ALA B 83 -35.98 -34.21 -8.37
C ALA B 83 -34.57 -34.73 -8.64
N ALA B 84 -34.37 -36.04 -8.37
CA ALA B 84 -33.10 -36.69 -8.69
C ALA B 84 -32.68 -36.40 -10.14
N ALA B 85 -33.64 -36.47 -11.07
CA ALA B 85 -33.32 -36.31 -12.49
C ALA B 85 -32.77 -34.91 -12.75
N PHE B 86 -33.29 -33.93 -11.99
CA PHE B 86 -32.77 -32.58 -12.15
C PHE B 86 -31.38 -32.48 -11.54
N GLN B 87 -31.21 -33.05 -10.34
CA GLN B 87 -29.91 -32.97 -9.67
C GLN B 87 -28.81 -33.59 -10.54
N ASP B 88 -29.17 -34.63 -11.30
CA ASP B 88 -28.21 -35.29 -12.18
C ASP B 88 -27.67 -34.36 -13.26
N LYS B 89 -28.37 -33.25 -13.53
CA LYS B 89 -27.91 -32.33 -14.57
C LYS B 89 -26.78 -31.39 -14.11
N LEU B 90 -26.56 -31.28 -12.80
CA LEU B 90 -25.55 -30.37 -12.26
CA LEU B 90 -25.54 -30.37 -12.27
C LEU B 90 -24.43 -31.18 -11.62
N TYR B 91 -23.23 -30.61 -11.54
CA TYR B 91 -22.08 -31.36 -11.01
C TYR B 91 -22.27 -31.69 -9.54
N PRO B 92 -22.02 -32.95 -9.14
CA PRO B 92 -22.02 -33.29 -7.71
C PRO B 92 -21.20 -32.36 -6.79
N PHE B 93 -20.02 -31.90 -7.24
CA PHE B 93 -19.19 -31.08 -6.36
C PHE B 93 -19.88 -29.72 -6.08
N THR B 94 -20.83 -29.31 -6.94
CA THR B 94 -21.54 -28.04 -6.73
C THR B 94 -22.72 -28.23 -5.78
N TRP B 95 -23.40 -29.38 -5.86
CA TRP B 95 -24.49 -29.65 -4.92
C TRP B 95 -23.93 -29.72 -3.49
N ASP B 96 -22.70 -30.20 -3.32
CA ASP B 96 -22.19 -30.30 -1.97
CA ASP B 96 -22.05 -30.29 -2.03
C ASP B 96 -22.01 -28.92 -1.32
N ALA B 97 -21.81 -27.86 -2.12
CA ALA B 97 -21.62 -26.50 -1.60
C ALA B 97 -22.91 -25.92 -1.01
N VAL B 98 -24.06 -26.42 -1.46
CA VAL B 98 -25.37 -25.91 -1.08
C VAL B 98 -26.15 -26.84 -0.15
N ARG B 99 -25.42 -27.77 0.50
CA ARG B 99 -26.01 -28.67 1.48
CA ARG B 99 -25.96 -28.70 1.47
CA ARG B 99 -25.99 -28.68 1.48
C ARG B 99 -25.57 -28.20 2.86
N TYR B 100 -26.53 -28.16 3.79
CA TYR B 100 -26.27 -27.74 5.15
C TYR B 100 -27.10 -28.57 6.11
N ASN B 101 -26.42 -29.14 7.11
CA ASN B 101 -27.05 -30.01 8.09
C ASN B 101 -27.91 -31.09 7.44
N GLY B 102 -27.41 -31.58 6.30
CA GLY B 102 -28.02 -32.75 5.68
C GLY B 102 -29.09 -32.42 4.63
N LYS B 103 -29.35 -31.11 4.40
CA LYS B 103 -30.40 -30.71 3.47
C LYS B 103 -29.91 -29.70 2.44
N LEU B 104 -30.45 -29.78 1.23
CA LEU B 104 -30.23 -28.76 0.20
C LEU B 104 -30.95 -27.47 0.55
N ILE B 105 -30.20 -26.35 0.51
CA ILE B 105 -30.76 -25.06 0.90
CA ILE B 105 -30.79 -25.07 0.89
C ILE B 105 -30.70 -24.03 -0.22
N ALA B 106 -30.18 -24.40 -1.39
CA ALA B 106 -30.07 -23.47 -2.54
C ALA B 106 -29.74 -24.28 -3.78
N TYR B 107 -30.00 -23.69 -4.96
CA TYR B 107 -29.55 -24.26 -6.23
C TYR B 107 -28.17 -23.72 -6.56
N PRO B 108 -27.20 -24.58 -6.93
CA PRO B 108 -25.89 -24.10 -7.34
C PRO B 108 -25.97 -23.63 -8.79
N ILE B 109 -25.30 -22.51 -9.10
CA ILE B 109 -25.36 -21.91 -10.44
C ILE B 109 -23.99 -22.00 -11.12
N ALA B 110 -22.94 -21.57 -10.43
CA ALA B 110 -21.62 -21.47 -11.07
C ALA B 110 -20.50 -21.35 -10.05
N VAL B 111 -19.33 -21.87 -10.44
CA VAL B 111 -18.12 -21.93 -9.63
C VAL B 111 -17.25 -20.73 -9.97
N GLU B 112 -16.92 -19.99 -8.89
CA GLU B 112 -16.12 -18.77 -8.93
C GLU B 112 -14.80 -18.99 -8.21
N ALA B 113 -13.70 -18.74 -8.92
CA ALA B 113 -12.41 -18.68 -8.26
C ALA B 113 -11.67 -17.48 -8.87
N LEU B 114 -10.90 -16.83 -8.00
CA LEU B 114 -9.98 -15.76 -8.44
C LEU B 114 -8.80 -16.30 -9.24
N SER B 115 -8.39 -15.52 -10.25
CA SER B 115 -7.18 -15.79 -11.02
C SER B 115 -6.37 -14.53 -11.11
N LEU B 116 -5.11 -14.71 -11.52
CA LEU B 116 -4.29 -13.59 -11.90
C LEU B 116 -4.61 -13.20 -13.34
N ILE B 117 -4.94 -11.91 -13.56
CA ILE B 117 -5.25 -11.41 -14.89
C ILE B 117 -4.13 -10.43 -15.25
N TYR B 118 -3.55 -10.59 -16.43
CA TYR B 118 -2.38 -9.77 -16.77
C TYR B 118 -2.49 -9.24 -18.19
N ASN B 119 -1.85 -8.08 -18.40
CA ASN B 119 -1.82 -7.39 -19.68
C ASN B 119 -0.62 -7.89 -20.49
N LYS B 120 -0.89 -8.65 -21.55
CA LYS B 120 0.17 -9.33 -22.29
C LYS B 120 1.09 -8.36 -23.04
N ASP B 121 0.59 -7.16 -23.36
CA ASP B 121 1.43 -6.20 -24.04
C ASP B 121 2.45 -5.58 -23.08
N LEU B 122 2.02 -5.30 -21.83
CA LEU B 122 2.94 -4.79 -20.80
C LEU B 122 3.83 -5.90 -20.23
N LEU B 123 3.29 -7.12 -20.19
CA LEU B 123 3.84 -8.19 -19.39
C LEU B 123 3.60 -9.53 -20.10
N PRO B 124 4.42 -9.89 -21.10
CA PRO B 124 4.16 -11.11 -21.86
C PRO B 124 4.12 -12.39 -21.00
N ASN B 125 4.99 -12.44 -19.98
CA ASN B 125 5.11 -13.62 -19.12
C ASN B 125 4.79 -13.17 -17.70
N PRO B 126 3.68 -13.64 -17.09
CA PRO B 126 3.29 -13.22 -15.75
C PRO B 126 4.19 -13.86 -14.70
N PRO B 127 4.31 -13.23 -13.52
CA PRO B 127 5.19 -13.74 -12.47
C PRO B 127 4.61 -14.98 -11.83
N LYS B 128 5.49 -15.95 -11.54
CA LYS B 128 5.15 -17.18 -10.86
CA LYS B 128 5.06 -17.15 -10.86
C LYS B 128 5.02 -17.00 -9.34
N THR B 129 5.66 -15.97 -8.80
CA THR B 129 5.74 -15.74 -7.37
C THR B 129 5.28 -14.34 -6.97
N TRP B 130 4.74 -14.23 -5.75
CA TRP B 130 4.47 -12.91 -5.17
C TRP B 130 5.78 -12.14 -4.96
N GLU B 131 6.84 -12.88 -4.59
CA GLU B 131 8.11 -12.27 -4.18
C GLU B 131 8.75 -11.47 -5.30
N GLU B 132 8.44 -11.78 -6.56
CA GLU B 132 9.04 -11.04 -7.65
C GLU B 132 8.27 -9.78 -8.03
N ILE B 133 7.10 -9.55 -7.41
CA ILE B 133 6.27 -8.41 -7.77
C ILE B 133 6.92 -7.05 -7.44
N PRO B 134 7.63 -6.85 -6.29
CA PRO B 134 8.30 -5.56 -6.07
C PRO B 134 9.22 -5.15 -7.20
N ALA B 135 10.04 -6.09 -7.71
CA ALA B 135 10.97 -5.74 -8.77
C ALA B 135 10.26 -5.42 -10.09
N LEU B 136 9.17 -6.14 -10.36
CA LEU B 136 8.41 -5.87 -11.56
CA LEU B 136 8.33 -5.90 -11.54
C LEU B 136 7.77 -4.49 -11.45
N ASP B 137 7.24 -4.17 -10.26
CA ASP B 137 6.67 -2.84 -10.05
C ASP B 137 7.71 -1.76 -10.28
N LYS B 138 8.95 -1.97 -9.81
CA LYS B 138 10.01 -0.98 -10.00
CA LYS B 138 9.98 -0.95 -9.98
CA LYS B 138 9.97 -0.95 -9.99
C LYS B 138 10.19 -0.66 -11.48
N GLU B 139 10.25 -1.68 -12.33
N GLU B 139 10.27 -1.71 -12.30
CA GLU B 139 10.49 -1.44 -13.74
CA GLU B 139 10.49 -1.52 -13.72
C GLU B 139 9.28 -0.79 -14.40
C GLU B 139 9.30 -0.79 -14.36
N LEU B 140 8.07 -1.17 -13.97
CA LEU B 140 6.86 -0.57 -14.53
C LEU B 140 6.69 0.91 -14.08
N LYS B 141 7.05 1.21 -12.83
CA LYS B 141 6.94 2.58 -12.33
C LYS B 141 7.77 3.55 -13.19
N ALA B 142 8.93 3.07 -13.67
CA ALA B 142 9.79 3.93 -14.49
C ALA B 142 9.12 4.32 -15.79
N LYS B 143 8.16 3.50 -16.23
CA LYS B 143 7.39 3.66 -17.46
C LYS B 143 6.06 4.35 -17.16
N GLY B 144 5.84 4.83 -15.92
CA GLY B 144 4.56 5.46 -15.57
C GLY B 144 3.40 4.48 -15.28
N LYS B 145 3.73 3.20 -15.06
CA LYS B 145 2.77 2.12 -14.85
C LYS B 145 2.99 1.52 -13.46
N SER B 146 2.22 0.48 -13.14
CA SER B 146 2.43 -0.28 -11.92
C SER B 146 2.27 -1.76 -12.25
N ALA B 147 2.79 -2.61 -11.37
CA ALA B 147 2.64 -4.06 -11.54
C ALA B 147 1.22 -4.57 -11.30
N LEU B 148 0.57 -4.16 -10.19
CA LEU B 148 -0.56 -4.93 -9.67
C LEU B 148 -1.52 -4.03 -8.93
N MET B 149 -2.80 -4.09 -9.32
CA MET B 149 -3.85 -3.45 -8.54
C MET B 149 -5.03 -4.40 -8.42
N PHE B 150 -5.55 -4.52 -7.19
CA PHE B 150 -6.74 -5.31 -6.93
C PHE B 150 -7.47 -4.76 -5.70
N ASN B 151 -8.71 -5.20 -5.53
CA ASN B 151 -9.55 -4.69 -4.47
C ASN B 151 -9.01 -5.05 -3.09
N LEU B 152 -8.50 -4.08 -2.32
CA LEU B 152 -7.97 -4.36 -0.98
C LEU B 152 -9.03 -4.24 0.10
N GLN B 153 -10.24 -3.83 -0.28
CA GLN B 153 -11.27 -3.50 0.70
C GLN B 153 -12.16 -4.69 1.01
N GLU B 154 -12.06 -5.73 0.20
CA GLU B 154 -12.77 -6.98 0.46
C GLU B 154 -11.76 -8.09 0.65
N PRO B 155 -11.82 -8.78 1.80
CA PRO B 155 -10.76 -9.72 2.15
C PRO B 155 -10.75 -10.96 1.24
N TYR B 156 -11.84 -11.19 0.50
CA TYR B 156 -11.90 -12.23 -0.54
C TYR B 156 -10.64 -12.20 -1.41
N PHE B 157 -10.17 -11.00 -1.78
CA PHE B 157 -9.11 -10.85 -2.77
C PHE B 157 -7.71 -11.09 -2.19
N THR B 158 -7.54 -10.84 -0.88
CA THR B 158 -6.29 -11.05 -0.19
C THR B 158 -6.20 -12.44 0.44
N TRP B 159 -7.36 -13.08 0.65
CA TRP B 159 -7.41 -14.41 1.26
C TRP B 159 -6.46 -15.41 0.61
N PRO B 160 -6.36 -15.49 -0.75
CA PRO B 160 -5.47 -16.51 -1.34
C PRO B 160 -4.03 -16.41 -0.82
N LEU B 161 -3.58 -15.17 -0.57
CA LEU B 161 -2.23 -14.87 -0.11
C LEU B 161 -2.12 -15.17 1.40
N ILE B 162 -3.15 -14.77 2.18
CA ILE B 162 -3.16 -15.09 3.62
C ILE B 162 -3.08 -16.61 3.84
N ALA B 163 -3.79 -17.33 2.97
CA ALA B 163 -3.96 -18.78 3.13
C ALA B 163 -2.74 -19.56 2.63
N ALA B 164 -1.97 -18.96 1.71
CA ALA B 164 -0.94 -19.70 0.97
C ALA B 164 -0.01 -20.48 1.88
N ASP B 165 0.53 -19.82 2.91
CA ASP B 165 1.52 -20.45 3.78
C ASP B 165 0.92 -20.90 5.11
N GLY B 166 -0.43 -20.95 5.20
CA GLY B 166 -1.02 -21.67 6.32
C GLY B 166 -2.26 -21.04 6.95
N GLY B 167 -2.63 -19.81 6.55
CA GLY B 167 -3.83 -19.22 7.15
C GLY B 167 -5.07 -20.02 6.79
N TYR B 168 -6.02 -20.12 7.73
CA TYR B 168 -7.29 -20.79 7.49
C TYR B 168 -8.38 -20.11 8.30
N ALA B 169 -9.63 -20.39 7.91
CA ALA B 169 -10.76 -19.76 8.58
C ALA B 169 -11.08 -20.57 9.84
N PHE B 170 -11.65 -21.76 9.65
CA PHE B 170 -11.98 -22.67 10.75
C PHE B 170 -11.31 -24.01 10.50
N LYS B 171 -10.75 -24.61 11.56
CA LYS B 171 -10.07 -25.90 11.40
CA LYS B 171 -10.07 -25.90 11.40
C LYS B 171 -11.06 -26.95 10.90
N TYR B 172 -10.68 -27.67 9.83
CA TYR B 172 -11.57 -28.64 9.18
C TYR B 172 -10.94 -30.02 9.32
N GLU B 173 -11.57 -30.89 10.11
CA GLU B 173 -11.06 -32.25 10.34
C GLU B 173 -12.25 -33.19 10.48
N ASN B 174 -12.10 -34.43 9.94
CA ASN B 174 -13.17 -35.41 9.98
CA ASN B 174 -13.15 -35.45 9.89
C ASN B 174 -14.45 -34.84 9.37
N GLY B 175 -14.33 -33.94 8.39
CA GLY B 175 -15.49 -33.38 7.71
C GLY B 175 -16.27 -32.35 8.53
N LYS B 176 -15.69 -31.88 9.64
CA LYS B 176 -16.36 -30.95 10.54
CA LYS B 176 -16.37 -30.94 10.53
C LYS B 176 -15.52 -29.70 10.75
N TYR B 177 -16.18 -28.54 10.84
CA TYR B 177 -15.47 -27.30 11.14
C TYR B 177 -15.52 -27.02 12.63
N ASP B 178 -14.35 -26.78 13.23
CA ASP B 178 -14.27 -26.38 14.62
C ASP B 178 -14.35 -24.86 14.70
N ILE B 179 -15.51 -24.34 15.15
CA ILE B 179 -15.75 -22.89 15.18
C ILE B 179 -14.93 -22.19 16.28
N LYS B 180 -14.29 -22.98 17.16
CA LYS B 180 -13.44 -22.41 18.22
C LYS B 180 -11.98 -22.28 17.74
N ASP B 181 -11.66 -22.88 16.58
CA ASP B 181 -10.28 -22.96 16.14
C ASP B 181 -10.16 -22.18 14.84
N VAL B 182 -9.81 -20.89 14.97
CA VAL B 182 -9.76 -19.95 13.85
C VAL B 182 -8.29 -19.76 13.51
N GLY B 183 -7.96 -19.76 12.21
CA GLY B 183 -6.57 -19.79 11.76
C GLY B 183 -6.08 -18.52 11.08
N VAL B 184 -6.64 -17.37 11.49
CA VAL B 184 -6.30 -16.11 10.83
C VAL B 184 -5.12 -15.41 11.49
N ASP B 185 -4.57 -16.00 12.56
CA ASP B 185 -3.52 -15.36 13.35
C ASP B 185 -2.35 -16.31 13.56
N ASN B 186 -2.23 -17.33 12.68
CA ASN B 186 -1.07 -18.19 12.73
C ASN B 186 0.09 -17.63 11.91
N ALA B 187 1.22 -18.35 11.91
CA ALA B 187 2.41 -17.81 11.26
C ALA B 187 2.15 -17.56 9.78
N GLY B 188 1.42 -18.48 9.13
CA GLY B 188 1.19 -18.37 7.70
C GLY B 188 0.31 -17.18 7.37
N ALA B 189 -0.74 -16.96 8.17
CA ALA B 189 -1.61 -15.83 7.95
C ALA B 189 -0.82 -14.53 8.12
N LYS B 190 -0.04 -14.46 9.21
CA LYS B 190 0.77 -13.28 9.50
C LYS B 190 1.74 -13.01 8.34
N ALA B 191 2.39 -14.06 7.84
CA ALA B 191 3.35 -13.91 6.75
C ALA B 191 2.71 -13.32 5.49
N GLY B 192 1.53 -13.85 5.12
CA GLY B 192 0.82 -13.41 3.94
C GLY B 192 0.39 -11.96 4.07
N LEU B 193 -0.22 -11.60 5.19
CA LEU B 193 -0.68 -10.22 5.35
C LEU B 193 0.51 -9.26 5.43
N THR B 194 1.61 -9.70 6.08
CA THR B 194 2.81 -8.90 6.16
C THR B 194 3.38 -8.61 4.77
N PHE B 195 3.34 -9.61 3.88
CA PHE B 195 3.81 -9.38 2.52
C PHE B 195 2.98 -8.29 1.82
N LEU B 196 1.65 -8.34 1.96
CA LEU B 196 0.78 -7.30 1.40
C LEU B 196 1.13 -5.92 2.00
N VAL B 197 1.29 -5.88 3.32
CA VAL B 197 1.57 -4.63 4.02
C VAL B 197 2.90 -4.05 3.55
N ASP B 198 3.89 -4.91 3.35
CA ASP B 198 5.20 -4.48 2.87
C ASP B 198 5.13 -3.96 1.44
N LEU B 199 4.30 -4.59 0.58
CA LEU B 199 4.11 -4.06 -0.76
C LEU B 199 3.67 -2.61 -0.67
N ILE B 200 2.74 -2.35 0.25
CA ILE B 200 2.18 -1.01 0.41
C ILE B 200 3.20 -0.05 1.01
N LYS B 201 3.90 -0.48 2.07
CA LYS B 201 4.95 0.35 2.69
C LYS B 201 5.99 0.78 1.66
N ASN B 202 6.29 -0.11 0.70
CA ASN B 202 7.33 0.08 -0.30
C ASN B 202 6.74 0.76 -1.55
N LYS B 203 5.49 1.25 -1.43
CA LYS B 203 4.81 2.01 -2.47
C LYS B 203 4.59 1.22 -3.76
N HIS B 204 4.47 -0.12 -3.66
CA HIS B 204 4.07 -0.93 -4.80
C HIS B 204 2.56 -1.15 -4.90
N MET B 205 1.81 -0.78 -3.85
CA MET B 205 0.35 -0.84 -3.87
C MET B 205 -0.12 0.28 -2.96
N ASN B 206 -1.38 0.71 -3.15
CA ASN B 206 -2.01 1.73 -2.36
C ASN B 206 -3.12 1.06 -1.55
N ALA B 207 -3.10 1.26 -0.24
CA ALA B 207 -4.04 0.62 0.70
C ALA B 207 -5.51 0.94 0.42
N ASP B 208 -5.78 1.99 -0.35
CA ASP B 208 -7.14 2.43 -0.63
C ASP B 208 -7.71 1.84 -1.91
N THR B 209 -6.91 1.06 -2.66
CA THR B 209 -7.39 0.55 -3.92
C THR B 209 -8.61 -0.34 -3.65
N ASP B 210 -9.69 -0.09 -4.40
CA ASP B 210 -10.95 -0.83 -4.26
C ASP B 210 -11.30 -1.47 -5.61
N TYR B 211 -12.50 -2.08 -5.72
CA TYR B 211 -12.87 -2.77 -6.94
C TYR B 211 -12.85 -1.86 -8.16
N SER B 212 -13.51 -0.71 -8.05
CA SER B 212 -13.65 0.21 -9.17
CA SER B 212 -13.65 0.20 -9.17
CA SER B 212 -13.66 0.22 -9.16
C SER B 212 -12.30 0.76 -9.61
N ILE B 213 -11.46 1.14 -8.64
CA ILE B 213 -10.14 1.72 -8.93
C ILE B 213 -9.22 0.72 -9.64
N ALA B 214 -9.18 -0.51 -9.12
CA ALA B 214 -8.37 -1.55 -9.75
C ALA B 214 -8.88 -1.89 -11.14
N GLU B 215 -10.21 -1.98 -11.30
CA GLU B 215 -10.74 -2.36 -12.60
C GLU B 215 -10.41 -1.30 -13.66
N ALA B 216 -10.61 -0.03 -13.30
CA ALA B 216 -10.33 1.08 -14.20
C ALA B 216 -8.85 1.10 -14.58
N ALA B 217 -7.96 0.93 -13.61
CA ALA B 217 -6.52 0.93 -13.88
C ALA B 217 -6.15 -0.22 -14.82
N PHE B 218 -6.66 -1.42 -14.57
CA PHE B 218 -6.29 -2.51 -15.48
C PHE B 218 -6.84 -2.27 -16.89
N ASN B 219 -8.10 -1.88 -16.96
CA ASN B 219 -8.82 -1.84 -18.22
C ASN B 219 -8.37 -0.64 -19.06
N LYS B 220 -7.71 0.32 -18.41
CA LYS B 220 -7.14 1.49 -19.08
C LYS B 220 -5.66 1.30 -19.40
N GLY B 221 -5.08 0.17 -19.02
CA GLY B 221 -3.69 -0.11 -19.39
C GLY B 221 -2.67 0.54 -18.47
N GLU B 222 -3.09 0.91 -17.26
CA GLU B 222 -2.19 1.60 -16.34
C GLU B 222 -1.47 0.65 -15.39
N THR B 223 -2.07 -0.53 -15.14
CA THR B 223 -1.43 -1.53 -14.27
C THR B 223 -1.35 -2.83 -15.06
N ALA B 224 -0.25 -3.59 -14.85
CA ALA B 224 0.01 -4.79 -15.65
C ALA B 224 -0.81 -6.00 -15.24
N MET B 225 -1.33 -5.99 -14.00
CA MET B 225 -2.00 -7.15 -13.47
C MET B 225 -3.14 -6.74 -12.56
N THR B 226 -4.12 -7.63 -12.43
CA THR B 226 -5.13 -7.51 -11.40
C THR B 226 -5.50 -8.91 -10.91
N ILE B 227 -6.30 -8.95 -9.85
CA ILE B 227 -6.79 -10.25 -9.33
C ILE B 227 -8.30 -10.12 -9.33
N ASN B 228 -8.99 -11.03 -10.02
CA ASN B 228 -10.43 -10.90 -10.16
C ASN B 228 -11.02 -12.22 -10.59
N GLY B 229 -12.36 -12.27 -10.60
CA GLY B 229 -13.09 -13.46 -10.98
C GLY B 229 -13.70 -13.32 -12.36
N PRO B 230 -14.38 -14.36 -12.85
CA PRO B 230 -14.83 -14.41 -14.23
C PRO B 230 -15.77 -13.26 -14.62
N TRP B 231 -16.53 -12.74 -13.65
CA TRP B 231 -17.51 -11.68 -13.92
C TRP B 231 -16.81 -10.44 -14.49
N ALA B 232 -15.54 -10.27 -14.17
CA ALA B 232 -14.76 -9.12 -14.58
C ALA B 232 -14.37 -9.18 -16.06
N TRP B 233 -14.43 -10.35 -16.71
CA TRP B 233 -13.84 -10.45 -18.05
C TRP B 233 -14.60 -9.64 -19.10
N SER B 234 -15.92 -9.45 -18.94
CA SER B 234 -16.72 -8.73 -19.91
CA SER B 234 -16.73 -8.71 -19.90
C SER B 234 -16.16 -7.32 -20.11
N ASN B 235 -15.88 -6.64 -19.00
CA ASN B 235 -15.44 -5.25 -19.09
C ASN B 235 -14.01 -5.21 -19.67
N ILE B 236 -13.19 -6.22 -19.36
CA ILE B 236 -11.86 -6.22 -19.99
C ILE B 236 -12.01 -6.41 -21.51
N ASP B 237 -12.91 -7.30 -21.92
CA ASP B 237 -13.12 -7.53 -23.34
C ASP B 237 -13.45 -6.22 -24.06
N THR B 238 -14.37 -5.42 -23.49
CA THR B 238 -14.80 -4.13 -24.02
C THR B 238 -13.60 -3.17 -24.18
N SER B 239 -12.66 -3.22 -23.22
CA SER B 239 -11.48 -2.36 -23.18
C SER B 239 -10.48 -2.64 -24.29
N LYS B 240 -10.55 -3.84 -24.86
CA LYS B 240 -9.62 -4.33 -25.86
C LYS B 240 -8.18 -4.49 -25.34
N VAL B 241 -7.93 -4.38 -24.02
CA VAL B 241 -6.65 -4.79 -23.44
C VAL B 241 -6.42 -6.25 -23.85
N ASN B 242 -5.20 -6.55 -24.29
CA ASN B 242 -4.80 -7.92 -24.60
C ASN B 242 -4.44 -8.60 -23.28
N TYR B 243 -5.30 -9.48 -22.77
CA TYR B 243 -5.06 -10.06 -21.46
C TYR B 243 -5.02 -11.58 -21.46
N GLY B 244 -4.33 -12.09 -20.44
CA GLY B 244 -4.39 -13.51 -20.11
C GLY B 244 -4.92 -13.71 -18.70
N VAL B 245 -5.32 -14.96 -18.42
CA VAL B 245 -5.85 -15.35 -17.13
C VAL B 245 -5.04 -16.56 -16.72
N THR B 246 -4.46 -16.52 -15.50
CA THR B 246 -3.47 -17.55 -15.17
C THR B 246 -3.50 -17.91 -13.68
N VAL B 247 -2.68 -18.89 -13.32
CA VAL B 247 -2.52 -19.31 -11.94
C VAL B 247 -2.05 -18.12 -11.07
N LEU B 248 -2.63 -18.01 -9.86
CA LEU B 248 -2.19 -16.99 -8.92
C LEU B 248 -0.73 -17.20 -8.56
N PRO B 249 0.03 -16.15 -8.20
CA PRO B 249 1.43 -16.36 -7.83
C PRO B 249 1.54 -17.18 -6.53
N THR B 250 2.63 -17.94 -6.40
CA THR B 250 2.94 -18.64 -5.15
C THR B 250 3.53 -17.67 -4.12
N PHE B 251 3.44 -18.03 -2.85
CA PHE B 251 4.03 -17.23 -1.78
C PHE B 251 4.77 -18.19 -0.85
N LYS B 252 6.03 -17.86 -0.54
CA LYS B 252 6.92 -18.72 0.24
CA LYS B 252 6.90 -18.73 0.25
C LYS B 252 6.92 -20.15 -0.32
N GLY B 253 6.86 -20.25 -1.66
CA GLY B 253 6.96 -21.53 -2.36
C GLY B 253 5.69 -22.36 -2.21
N GLN B 254 4.55 -21.71 -1.89
CA GLN B 254 3.30 -22.42 -1.74
C GLN B 254 2.27 -21.81 -2.66
N PRO B 255 1.45 -22.61 -3.36
CA PRO B 255 0.35 -22.05 -4.14
C PRO B 255 -0.54 -21.14 -3.31
N SER B 256 -1.01 -20.05 -3.94
CA SER B 256 -2.11 -19.30 -3.35
C SER B 256 -3.34 -20.18 -3.26
N LYS B 257 -4.13 -19.99 -2.20
CA LYS B 257 -5.26 -20.87 -1.91
CA LYS B 257 -5.27 -20.87 -1.92
C LYS B 257 -6.54 -20.04 -1.86
N PRO B 258 -7.15 -19.72 -3.03
CA PRO B 258 -8.35 -18.87 -2.99
C PRO B 258 -9.50 -19.61 -2.30
N PHE B 259 -10.38 -18.86 -1.64
CA PHE B 259 -11.66 -19.42 -1.22
C PHE B 259 -12.58 -19.40 -2.42
N VAL B 260 -13.07 -20.60 -2.78
CA VAL B 260 -13.89 -20.81 -3.96
C VAL B 260 -15.38 -20.71 -3.60
N GLY B 261 -16.07 -19.88 -4.38
CA GLY B 261 -17.49 -19.66 -4.19
C GLY B 261 -18.30 -20.38 -5.25
N VAL B 262 -19.47 -20.85 -4.83
CA VAL B 262 -20.47 -21.32 -5.78
C VAL B 262 -21.62 -20.31 -5.75
N LEU B 263 -21.76 -19.55 -6.84
CA LEU B 263 -22.92 -18.66 -6.94
C LEU B 263 -24.17 -19.52 -6.81
N SER B 264 -25.06 -19.17 -5.87
CA SER B 264 -26.18 -20.04 -5.52
C SER B 264 -27.48 -19.24 -5.45
N ALA B 265 -28.61 -19.90 -5.68
CA ALA B 265 -29.90 -19.22 -5.61
C ALA B 265 -30.78 -19.88 -4.56
N GLY B 266 -31.20 -19.09 -3.56
CA GLY B 266 -32.11 -19.59 -2.54
C GLY B 266 -33.49 -19.00 -2.72
N ILE B 267 -34.47 -19.68 -2.12
CA ILE B 267 -35.86 -19.24 -2.18
C ILE B 267 -36.21 -18.77 -0.77
N ASN B 268 -36.73 -17.55 -0.68
CA ASN B 268 -37.09 -16.95 0.61
C ASN B 268 -38.15 -17.83 1.28
N ALA B 269 -37.94 -18.16 2.57
CA ALA B 269 -38.89 -19.01 3.30
C ALA B 269 -40.30 -18.39 3.33
N ALA B 270 -40.37 -17.05 3.23
CA ALA B 270 -41.63 -16.33 3.32
C ALA B 270 -42.25 -16.10 1.94
N SER B 271 -41.58 -16.52 0.86
CA SER B 271 -42.15 -16.32 -0.47
C SER B 271 -43.47 -17.09 -0.62
N PRO B 272 -44.54 -16.47 -1.15
CA PRO B 272 -45.76 -17.21 -1.56
C PRO B 272 -45.66 -17.80 -2.97
N ASN B 273 -44.45 -17.71 -3.54
CA ASN B 273 -44.24 -18.06 -4.94
C ASN B 273 -43.18 -19.15 -5.06
N LYS B 274 -43.14 -20.07 -4.10
CA LYS B 274 -42.06 -21.07 -4.11
C LYS B 274 -42.09 -21.98 -5.34
N GLU B 275 -43.29 -22.37 -5.80
CA GLU B 275 -43.36 -23.23 -6.97
C GLU B 275 -42.96 -22.45 -8.22
N LEU B 276 -43.39 -21.19 -8.35
CA LEU B 276 -42.91 -20.36 -9.45
C LEU B 276 -41.38 -20.21 -9.43
N ALA B 277 -40.81 -20.02 -8.23
CA ALA B 277 -39.36 -19.85 -8.09
C ALA B 277 -38.65 -21.13 -8.56
N LYS B 278 -39.14 -22.29 -8.11
CA LYS B 278 -38.58 -23.56 -8.56
C LYS B 278 -38.64 -23.68 -10.08
N GLU B 279 -39.79 -23.32 -10.68
CA GLU B 279 -39.99 -23.45 -12.11
C GLU B 279 -39.00 -22.55 -12.85
N PHE B 280 -38.88 -21.31 -12.37
CA PHE B 280 -37.92 -20.38 -12.97
C PHE B 280 -36.50 -20.92 -12.89
N LEU B 281 -36.08 -21.34 -11.70
CA LEU B 281 -34.68 -21.74 -11.50
C LEU B 281 -34.35 -23.01 -12.29
N GLU B 282 -35.23 -24.02 -12.19
CA GLU B 282 -34.91 -25.32 -12.79
C GLU B 282 -35.12 -25.32 -14.31
N ASN B 283 -36.19 -24.66 -14.77
CA ASN B 283 -36.63 -24.83 -16.16
C ASN B 283 -36.38 -23.63 -17.06
N TYR B 284 -35.90 -22.51 -16.48
CA TYR B 284 -35.55 -21.33 -17.28
C TYR B 284 -34.08 -20.97 -17.10
N LEU B 285 -33.65 -20.74 -15.85
CA LEU B 285 -32.27 -20.34 -15.61
C LEU B 285 -31.29 -21.48 -15.84
N LEU B 286 -31.50 -22.64 -15.17
CA LEU B 286 -30.52 -23.73 -15.25
C LEU B 286 -30.73 -24.60 -16.50
N THR B 287 -30.70 -23.90 -17.65
CA THR B 287 -30.77 -24.48 -18.97
C THR B 287 -29.64 -23.85 -19.79
N ASP B 288 -29.34 -24.46 -20.93
CA ASP B 288 -28.28 -23.92 -21.79
C ASP B 288 -28.60 -22.47 -22.16
N GLU B 289 -29.85 -22.23 -22.55
CA GLU B 289 -30.30 -20.93 -23.04
C GLU B 289 -30.28 -19.89 -21.93
N GLY B 290 -30.72 -20.32 -20.74
CA GLY B 290 -30.78 -19.38 -19.61
C GLY B 290 -29.39 -18.98 -19.12
N LEU B 291 -28.51 -19.97 -18.95
CA LEU B 291 -27.16 -19.66 -18.53
C LEU B 291 -26.40 -18.89 -19.60
N GLU B 292 -26.67 -19.16 -20.88
CA GLU B 292 -25.99 -18.41 -21.94
C GLU B 292 -26.38 -16.94 -21.84
N ALA B 293 -27.66 -16.65 -21.60
CA ALA B 293 -28.11 -15.25 -21.52
C ALA B 293 -27.37 -14.52 -20.38
N VAL B 294 -27.22 -15.19 -19.24
CA VAL B 294 -26.55 -14.55 -18.11
C VAL B 294 -25.04 -14.42 -18.39
N ASN B 295 -24.44 -15.51 -18.90
CA ASN B 295 -23.00 -15.59 -19.14
C ASN B 295 -22.55 -14.58 -20.19
N LYS B 296 -23.40 -14.31 -21.19
CA LYS B 296 -23.04 -13.35 -22.23
C LYS B 296 -22.99 -11.93 -21.67
N ASP B 297 -23.75 -11.67 -20.60
CA ASP B 297 -23.74 -10.37 -19.94
C ASP B 297 -22.46 -10.27 -19.10
N LYS B 298 -22.33 -11.08 -18.04
CA LYS B 298 -21.08 -11.16 -17.30
CA LYS B 298 -21.08 -11.16 -17.30
C LYS B 298 -20.77 -12.64 -17.09
N PRO B 299 -19.53 -13.10 -17.42
CA PRO B 299 -19.27 -14.53 -17.29
C PRO B 299 -19.51 -15.03 -15.87
N LEU B 300 -20.15 -16.20 -15.80
CA LEU B 300 -20.51 -16.84 -14.55
C LEU B 300 -19.34 -17.60 -13.92
N GLY B 301 -18.35 -17.99 -14.74
CA GLY B 301 -17.34 -18.94 -14.29
C GLY B 301 -17.69 -20.34 -14.80
N ALA B 302 -17.35 -21.35 -14.01
CA ALA B 302 -17.57 -22.73 -14.44
C ALA B 302 -18.98 -23.10 -13.99
N VAL B 303 -19.93 -23.12 -14.94
CA VAL B 303 -21.33 -23.28 -14.56
C VAL B 303 -21.61 -24.68 -13.99
N ALA B 304 -22.63 -24.77 -13.16
CA ALA B 304 -22.98 -26.03 -12.50
C ALA B 304 -23.68 -27.00 -13.44
N LEU B 305 -24.28 -26.48 -14.52
CA LEU B 305 -25.02 -27.27 -15.50
C LEU B 305 -24.03 -27.94 -16.45
N LYS B 306 -23.95 -29.29 -16.41
CA LYS B 306 -22.97 -30.03 -17.20
C LYS B 306 -23.09 -29.69 -18.70
N SER B 307 -24.33 -29.65 -19.22
CA SER B 307 -24.50 -29.52 -20.66
C SER B 307 -23.85 -28.24 -21.20
N TYR B 308 -23.96 -27.15 -20.43
CA TYR B 308 -23.43 -25.88 -20.90
C TYR B 308 -21.95 -25.77 -20.55
N GLU B 309 -21.55 -26.32 -19.39
CA GLU B 309 -20.16 -26.24 -19.02
C GLU B 309 -19.29 -27.01 -20.01
N GLU B 310 -19.83 -28.05 -20.66
CA GLU B 310 -19.06 -28.75 -21.70
C GLU B 310 -18.47 -27.79 -22.73
N GLU B 311 -19.26 -26.76 -23.08
CA GLU B 311 -18.80 -25.75 -24.04
C GLU B 311 -17.88 -24.73 -23.38
N LEU B 312 -18.28 -24.23 -22.21
CA LEU B 312 -17.49 -23.15 -21.62
C LEU B 312 -16.08 -23.59 -21.21
N ALA B 313 -15.95 -24.86 -20.82
CA ALA B 313 -14.67 -25.34 -20.30
C ALA B 313 -13.58 -25.45 -21.36
N LYS B 314 -13.89 -25.31 -22.66
CA LYS B 314 -12.88 -25.22 -23.70
C LYS B 314 -11.98 -23.99 -23.54
N ASP B 315 -12.53 -22.94 -22.91
CA ASP B 315 -11.88 -21.64 -22.83
C ASP B 315 -10.71 -21.70 -21.84
N PRO B 316 -9.48 -21.29 -22.24
CA PRO B 316 -8.36 -21.30 -21.29
C PRO B 316 -8.60 -20.45 -20.04
N ARG B 317 -9.50 -19.45 -20.12
CA ARG B 317 -9.78 -18.62 -18.94
C ARG B 317 -10.52 -19.44 -17.88
N ILE B 318 -11.37 -20.35 -18.33
CA ILE B 318 -12.08 -21.27 -17.44
C ILE B 318 -11.11 -22.35 -16.92
N ALA B 319 -10.20 -22.80 -17.79
CA ALA B 319 -9.16 -23.72 -17.34
C ALA B 319 -8.34 -23.11 -16.18
N ALA B 320 -7.95 -21.83 -16.33
CA ALA B 320 -7.18 -21.16 -15.27
C ALA B 320 -8.02 -20.99 -13.99
N THR B 321 -9.29 -20.65 -14.18
CA THR B 321 -10.22 -20.55 -13.05
C THR B 321 -10.19 -21.84 -12.24
N MET B 322 -10.26 -22.97 -12.94
CA MET B 322 -10.34 -24.24 -12.23
C MET B 322 -8.97 -24.71 -11.74
N GLU B 323 -7.90 -24.28 -12.42
CA GLU B 323 -6.57 -24.50 -11.89
C GLU B 323 -6.42 -23.84 -10.51
N ASN B 324 -6.88 -22.59 -10.39
CA ASN B 324 -6.86 -21.90 -9.13
C ASN B 324 -7.82 -22.54 -8.12
N ALA B 325 -9.02 -22.91 -8.57
CA ALA B 325 -9.99 -23.54 -7.67
C ALA B 325 -9.42 -24.80 -7.02
N GLN B 326 -8.69 -25.59 -7.81
CA GLN B 326 -8.13 -26.84 -7.33
C GLN B 326 -7.03 -26.60 -6.29
N LYS B 327 -6.41 -25.42 -6.29
CA LYS B 327 -5.37 -25.07 -5.29
C LYS B 327 -5.95 -24.48 -4.01
N GLY B 328 -7.22 -24.06 -4.07
CA GLY B 328 -7.91 -23.49 -2.91
C GLY B 328 -8.94 -24.45 -2.31
N GLU B 329 -9.96 -23.89 -1.66
CA GLU B 329 -10.95 -24.63 -0.90
CA GLU B 329 -10.96 -24.65 -0.93
C GLU B 329 -12.33 -24.09 -1.24
N ILE B 330 -13.30 -24.97 -1.46
CA ILE B 330 -14.70 -24.55 -1.48
C ILE B 330 -15.01 -23.99 -0.09
N MET B 331 -15.53 -22.77 -0.05
CA MET B 331 -15.80 -22.14 1.25
C MET B 331 -16.69 -23.00 2.12
N PRO B 332 -16.49 -22.96 3.44
CA PRO B 332 -17.55 -23.43 4.34
C PRO B 332 -18.82 -22.59 4.12
N ASN B 333 -19.97 -23.20 4.44
CA ASN B 333 -21.24 -22.46 4.40
C ASN B 333 -21.83 -22.30 5.80
N ILE B 334 -21.04 -22.59 6.84
CA ILE B 334 -21.55 -22.60 8.21
C ILE B 334 -21.92 -21.16 8.63
N PRO B 335 -22.83 -21.00 9.62
CA PRO B 335 -23.32 -19.66 9.99
C PRO B 335 -22.24 -18.70 10.46
N GLN B 336 -21.11 -19.24 10.92
CA GLN B 336 -20.03 -18.43 11.48
C GLN B 336 -19.20 -17.71 10.41
N MET B 337 -19.48 -17.98 9.13
CA MET B 337 -18.75 -17.34 8.04
C MET B 337 -18.89 -15.82 8.02
N SER B 338 -20.07 -15.27 8.33
CA SER B 338 -20.25 -13.82 8.29
CA SER B 338 -20.25 -13.83 8.29
C SER B 338 -19.31 -13.15 9.29
N ALA B 339 -19.24 -13.71 10.51
CA ALA B 339 -18.37 -13.15 11.55
C ALA B 339 -16.90 -13.29 11.18
N PHE B 340 -16.54 -14.40 10.51
CA PHE B 340 -15.19 -14.59 10.05
C PHE B 340 -14.83 -13.49 9.05
N TRP B 341 -15.70 -13.28 8.06
CA TRP B 341 -15.39 -12.33 7.00
C TRP B 341 -15.30 -10.90 7.55
N TYR B 342 -16.23 -10.54 8.45
CA TYR B 342 -16.20 -9.19 9.00
C TYR B 342 -14.87 -8.97 9.72
N ALA B 343 -14.45 -9.97 10.49
CA ALA B 343 -13.22 -9.84 11.27
C ALA B 343 -12.00 -9.68 10.37
N VAL B 344 -11.92 -10.50 9.31
CA VAL B 344 -10.77 -10.44 8.41
C VAL B 344 -10.81 -9.16 7.57
N ARG B 345 -12.01 -8.71 7.19
CA ARG B 345 -12.09 -7.47 6.41
C ARG B 345 -11.49 -6.31 7.21
N THR B 346 -11.93 -6.16 8.45
CA THR B 346 -11.46 -5.13 9.35
C THR B 346 -9.94 -5.19 9.49
N ALA B 347 -9.40 -6.41 9.70
CA ALA B 347 -7.97 -6.56 9.91
C ALA B 347 -7.13 -6.18 8.68
N VAL B 348 -7.57 -6.61 7.49
CA VAL B 348 -6.81 -6.34 6.28
C VAL B 348 -6.78 -4.83 6.01
N ILE B 349 -7.95 -4.18 6.08
CA ILE B 349 -8.00 -2.75 5.83
C ILE B 349 -7.08 -2.00 6.78
N ASN B 350 -7.13 -2.36 8.07
CA ASN B 350 -6.37 -1.59 9.05
CA ASN B 350 -6.37 -1.60 9.05
C ASN B 350 -4.87 -1.88 8.94
N ALA B 351 -4.51 -3.14 8.71
CA ALA B 351 -3.10 -3.45 8.56
C ALA B 351 -2.55 -2.78 7.31
N ALA B 352 -3.30 -2.83 6.20
CA ALA B 352 -2.87 -2.25 4.94
C ALA B 352 -2.57 -0.76 5.06
N SER B 353 -3.45 -0.08 5.81
CA SER B 353 -3.34 1.37 5.93
C SER B 353 -2.15 1.76 6.81
N GLY B 354 -1.59 0.80 7.56
CA GLY B 354 -0.48 1.06 8.47
C GLY B 354 -0.94 1.66 9.81
N ARG B 355 -2.26 1.83 9.96
CA ARG B 355 -2.81 2.38 11.19
C ARG B 355 -2.70 1.38 12.34
N GLN B 356 -2.64 0.09 12.01
CA GLN B 356 -2.50 -0.96 13.00
C GLN B 356 -1.46 -1.94 12.46
N THR B 357 -0.70 -2.60 13.34
CA THR B 357 0.22 -3.65 12.89
C THR B 357 -0.54 -4.89 12.46
N VAL B 358 0.10 -5.68 11.62
CA VAL B 358 -0.41 -7.00 11.26
C VAL B 358 -0.71 -7.84 12.48
N ASP B 359 0.23 -7.89 13.45
CA ASP B 359 0.06 -8.74 14.62
C ASP B 359 -1.16 -8.29 15.45
N ALA B 360 -1.34 -6.96 15.63
CA ALA B 360 -2.47 -6.50 16.41
C ALA B 360 -3.77 -6.73 15.63
N ALA B 361 -3.76 -6.43 14.33
CA ALA B 361 -4.96 -6.64 13.52
C ALA B 361 -5.44 -8.10 13.52
N LEU B 362 -4.50 -9.04 13.31
CA LEU B 362 -4.89 -10.45 13.21
C LEU B 362 -5.20 -11.05 14.58
N ALA B 363 -4.55 -10.56 15.66
CA ALA B 363 -4.86 -11.06 16.99
C ALA B 363 -6.32 -10.75 17.30
N ALA B 364 -6.75 -9.51 17.01
CA ALA B 364 -8.14 -9.11 17.23
C ALA B 364 -9.10 -9.87 16.30
N ALA B 365 -8.69 -10.11 15.05
CA ALA B 365 -9.52 -10.81 14.08
C ALA B 365 -9.82 -12.22 14.58
N GLN B 366 -8.81 -12.86 15.18
CA GLN B 366 -9.01 -14.22 15.66
C GLN B 366 -10.12 -14.25 16.71
N THR B 367 -10.05 -13.36 17.70
CA THR B 367 -10.97 -13.35 18.82
CA THR B 367 -11.00 -13.41 18.79
C THR B 367 -12.35 -12.89 18.33
N ASN B 368 -12.35 -11.94 17.38
CA ASN B 368 -13.59 -11.45 16.80
C ASN B 368 -14.35 -12.55 16.05
N ALA B 369 -13.60 -13.38 15.30
CA ALA B 369 -14.20 -14.43 14.48
C ALA B 369 -14.77 -15.54 15.34
N ALA B 370 -14.12 -15.82 16.48
CA ALA B 370 -14.49 -16.93 17.34
C ALA B 370 -15.55 -16.50 18.36
N ALA B 371 -15.98 -15.23 18.34
CA ALA B 371 -16.85 -14.67 19.37
C ALA B 371 -18.21 -15.39 19.39
N LYS B 372 -18.77 -15.60 20.61
CA LYS B 372 -20.02 -16.31 20.81
C LYS B 372 -20.77 -15.75 22.02
N SER B 373 -22.11 -15.84 22.00
CA SER B 373 -22.95 -15.55 23.16
C SER B 373 -22.72 -16.60 24.25
N SER B 374 -23.34 -16.44 25.43
CA SER B 374 -23.31 -17.46 26.47
CA SER B 374 -23.30 -17.46 26.47
C SER B 374 -23.91 -18.76 25.94
N ALA B 375 -23.45 -19.89 26.46
CA ALA B 375 -24.01 -21.18 26.05
C ALA B 375 -24.74 -21.81 27.23
N ALA B 376 -25.93 -22.39 26.96
CA ALA B 376 -26.53 -23.33 27.90
C ALA B 376 -25.66 -24.60 28.03
N SER B 377 -25.87 -25.35 29.13
CA SER B 377 -25.20 -26.66 29.21
C SER B 377 -25.70 -27.53 28.06
N PRO B 378 -24.95 -28.56 27.64
CA PRO B 378 -25.45 -29.41 26.56
C PRO B 378 -26.79 -30.10 26.89
N ALA B 379 -26.96 -30.54 28.15
CA ALA B 379 -28.22 -31.20 28.54
C ALA B 379 -29.39 -30.23 28.40
N ALA B 380 -29.19 -29.00 28.89
CA ALA B 380 -30.28 -28.06 28.87
C ALA B 380 -30.61 -27.68 27.43
N LEU B 381 -29.56 -27.49 26.62
CA LEU B 381 -29.80 -27.06 25.25
C LEU B 381 -30.57 -28.12 24.45
N SER B 382 -30.19 -29.41 24.61
CA SER B 382 -30.93 -30.44 23.91
C SER B 382 -32.39 -30.49 24.37
N GLY B 383 -32.65 -30.24 25.68
CA GLY B 383 -34.02 -30.20 26.17
C GLY B 383 -34.80 -29.08 25.48
N TYR B 384 -34.17 -27.91 25.35
CA TYR B 384 -34.84 -26.80 24.69
C TYR B 384 -35.14 -27.10 23.23
N LYS B 385 -34.16 -27.69 22.52
CA LYS B 385 -34.38 -28.01 21.11
C LYS B 385 -35.49 -29.03 20.94
N MET B 386 -35.50 -30.10 21.75
CA MET B 386 -36.54 -31.11 21.62
C MET B 386 -37.93 -30.56 21.97
N THR B 387 -37.99 -29.65 22.96
CA THR B 387 -39.27 -29.00 23.27
C THR B 387 -39.76 -28.22 22.05
N LEU B 388 -38.88 -27.40 21.47
CA LEU B 388 -39.35 -26.59 20.34
C LEU B 388 -39.72 -27.42 19.12
N LEU B 389 -38.94 -28.48 18.83
CA LEU B 389 -39.27 -29.30 17.67
C LEU B 389 -40.65 -29.97 17.83
N ALA B 390 -40.96 -30.48 19.04
CA ALA B 390 -42.27 -31.08 19.25
C ALA B 390 -43.37 -30.01 19.16
N LEU B 391 -43.07 -28.81 19.66
CA LEU B 391 -44.04 -27.71 19.61
C LEU B 391 -44.36 -27.32 18.18
N ILE B 392 -43.34 -27.20 17.33
CA ILE B 392 -43.52 -26.84 15.94
C ILE B 392 -44.37 -27.90 15.22
N LYS B 393 -44.02 -29.17 15.40
CA LYS B 393 -44.73 -30.24 14.72
C LYS B 393 -46.21 -30.27 15.15
N GLU B 394 -46.46 -30.02 16.43
CA GLU B 394 -47.81 -29.98 16.97
C GLU B 394 -48.60 -28.80 16.40
N SER B 395 -47.99 -27.62 16.41
CA SER B 395 -48.79 -26.39 16.49
C SER B 395 -48.76 -25.50 15.24
N ILE B 396 -47.85 -25.76 14.30
CA ILE B 396 -47.67 -24.88 13.14
C ILE B 396 -48.19 -25.62 11.91
N PRO B 397 -49.40 -25.29 11.38
CA PRO B 397 -49.95 -26.05 10.25
C PRO B 397 -49.35 -25.76 8.88
N ASN B 398 -48.64 -24.64 8.74
CA ASN B 398 -48.07 -24.25 7.46
CA ASN B 398 -48.10 -24.30 7.44
C ASN B 398 -46.70 -24.91 7.28
N GLN B 399 -46.50 -25.60 6.15
CA GLN B 399 -45.26 -26.37 5.97
C GLN B 399 -44.03 -25.46 5.89
N ALA B 400 -44.12 -24.39 5.12
CA ALA B 400 -42.96 -23.50 5.01
C ALA B 400 -42.58 -22.89 6.37
N LYS B 401 -43.57 -22.48 7.17
CA LYS B 401 -43.29 -21.97 8.51
C LYS B 401 -42.66 -23.07 9.39
N ARG B 402 -43.21 -24.30 9.33
CA ARG B 402 -42.63 -25.39 10.12
C ARG B 402 -41.16 -25.58 9.77
N GLN B 403 -40.87 -25.64 8.46
CA GLN B 403 -39.53 -25.93 7.98
C GLN B 403 -38.57 -24.82 8.40
N LYS B 404 -39.01 -23.56 8.31
CA LYS B 404 -38.08 -22.50 8.68
C LYS B 404 -37.89 -22.45 10.20
N PHE B 405 -38.96 -22.73 10.97
CA PHE B 405 -38.81 -22.74 12.41
C PHE B 405 -37.87 -23.86 12.85
N GLU B 406 -37.96 -25.06 12.22
CA GLU B 406 -37.09 -26.15 12.64
C GLU B 406 -35.63 -25.80 12.38
N MET B 407 -35.37 -25.04 11.28
CA MET B 407 -34.00 -24.59 11.04
CA MET B 407 -34.03 -24.51 10.98
C MET B 407 -33.56 -23.58 12.11
N GLN B 408 -34.46 -22.71 12.54
CA GLN B 408 -34.13 -21.78 13.61
C GLN B 408 -33.77 -22.48 14.92
N VAL B 409 -34.45 -23.60 15.20
CA VAL B 409 -34.14 -24.35 16.42
C VAL B 409 -32.66 -24.75 16.43
N GLY B 410 -32.14 -25.09 15.24
CA GLY B 410 -30.76 -25.54 15.18
C GLY B 410 -29.76 -24.48 15.62
N GLY B 411 -30.15 -23.19 15.57
CA GLY B 411 -29.26 -22.11 15.95
C GLY B 411 -29.33 -21.63 17.39
N ILE B 412 -30.29 -22.12 18.20
CA ILE B 412 -30.38 -21.63 19.57
C ILE B 412 -29.15 -22.09 20.36
N ARG B 413 -28.65 -21.22 21.24
CA ARG B 413 -27.42 -21.55 21.98
CA ARG B 413 -27.41 -21.50 21.98
C ARG B 413 -27.64 -21.52 23.48
N ASN B 414 -28.73 -20.88 23.95
CA ASN B 414 -28.88 -20.66 25.38
C ASN B 414 -30.36 -20.51 25.73
N GLU B 415 -30.67 -20.35 27.01
CA GLU B 415 -32.04 -20.29 27.46
C GLU B 415 -32.77 -19.09 26.87
N GLN B 416 -32.08 -17.95 26.76
CA GLN B 416 -32.76 -16.78 26.22
C GLN B 416 -33.13 -16.97 24.75
N ASP B 417 -32.25 -17.62 23.96
CA ASP B 417 -32.56 -17.97 22.59
C ASP B 417 -33.78 -18.87 22.54
N PHE B 418 -33.83 -19.88 23.42
CA PHE B 418 -34.98 -20.76 23.50
C PHE B 418 -36.26 -19.97 23.79
N LYS B 419 -36.23 -19.04 24.76
CA LYS B 419 -37.43 -18.31 25.14
CA LYS B 419 -37.44 -18.34 25.13
C LYS B 419 -37.87 -17.40 23.99
N ASN B 420 -36.89 -16.79 23.30
CA ASN B 420 -37.23 -15.89 22.22
C ASN B 420 -37.87 -16.64 21.06
N LEU B 421 -37.28 -17.80 20.68
CA LEU B 421 -37.84 -18.57 19.57
C LEU B 421 -39.19 -19.18 19.95
N ARG B 422 -39.34 -19.61 21.22
CA ARG B 422 -40.63 -20.11 21.69
C ARG B 422 -41.70 -19.02 21.50
N ARG B 423 -41.38 -17.76 21.87
CA ARG B 423 -42.34 -16.68 21.69
C ARG B 423 -42.70 -16.49 20.21
N GLU B 424 -41.72 -16.62 19.31
CA GLU B 424 -41.98 -16.43 17.89
CA GLU B 424 -41.96 -16.46 17.87
C GLU B 424 -42.89 -17.57 17.38
N ILE B 425 -42.68 -18.80 17.87
CA ILE B 425 -43.52 -19.92 17.46
C ILE B 425 -44.94 -19.74 18.02
N ILE B 426 -45.08 -19.34 19.30
CA ILE B 426 -46.38 -19.21 19.96
C ILE B 426 -47.20 -18.11 19.29
N ARG B 427 -46.54 -17.06 18.86
CA ARG B 427 -47.27 -15.91 18.32
C ARG B 427 -47.67 -16.14 16.86
N SER B 428 -47.15 -17.20 16.23
CA SER B 428 -47.50 -17.52 14.86
C SER B 428 -49.01 -17.70 14.71
N ALA B 429 -49.56 -17.08 13.66
CA ALA B 429 -50.99 -17.16 13.38
C ALA B 429 -51.21 -17.80 12.01
N ALA B 430 -52.47 -17.81 11.59
CA ALA B 430 -52.90 -18.55 10.41
C ALA B 430 -52.31 -17.84 9.20
N GLN B 431 -51.71 -18.66 8.32
CA GLN B 431 -51.02 -18.18 7.11
C GLN B 431 -52.05 -17.69 6.08
C1 GLC C . 25.25 13.13 1.06
C2 GLC C . 24.37 14.32 1.31
C3 GLC C . 22.90 14.18 0.87
C4 GLC C . 22.78 13.56 -0.52
C5 GLC C . 23.54 12.22 -0.54
C6 GLC C . 23.57 11.68 -1.98
O1 GLC C . 25.04 12.27 2.02
O2 GLC C . 24.31 14.66 2.72
O3 GLC C . 22.24 15.53 0.86
O4 GLC C . 21.42 13.32 -0.77
O5 GLC C . 24.96 12.49 -0.19
O6 GLC C . 23.90 10.30 -1.92
C1 GLC C . 20.76 14.23 -1.61
C2 GLC C . 19.38 14.56 -1.03
C3 GLC C . 18.55 13.25 -0.98
C4 GLC C . 18.42 12.72 -2.38
C5 GLC C . 19.81 12.48 -2.98
C6 GLC C . 19.74 12.16 -4.49
O2 GLC C . 19.53 15.10 0.28
O3 GLC C . 17.26 13.54 -0.42
O4 GLC C . 17.72 11.46 -2.38
O5 GLC C . 20.58 13.71 -2.92
O6 GLC C . 20.98 11.60 -4.95
C1 GLC D . -17.77 -11.47 -5.83
C2 GLC D . -18.01 -12.89 -5.41
C3 GLC D . -18.32 -13.07 -3.90
C4 GLC D . -17.28 -12.30 -3.08
C5 GLC D . -17.26 -10.83 -3.54
C6 GLC D . -16.15 -10.06 -2.84
O1 GLC D . -18.94 -10.92 -5.94
O2 GLC D . -19.12 -13.45 -6.13
O3 GLC D . -18.22 -14.46 -3.57
O4 GLC D . -17.68 -12.38 -1.71
O5 GLC D . -16.95 -10.73 -4.94
O6 GLC D . -16.41 -8.65 -2.84
C1 GLC D . -16.95 -13.29 -0.89
C2 GLC D . -17.94 -14.07 0.01
C3 GLC D . -18.69 -13.06 0.91
C4 GLC D . -17.65 -12.30 1.78
C5 GLC D . -16.63 -11.61 0.86
C6 GLC D . -15.43 -11.11 1.66
O2 GLC D . -18.90 -14.71 -0.86
O3 GLC D . -19.69 -13.76 1.72
O4 GLC D . -18.29 -11.27 2.53
O5 GLC D . -16.05 -12.61 -0.06
O6 GLC D . -14.66 -10.17 0.88
S SO4 E . 23.19 26.31 -27.81
O1 SO4 E . 22.24 26.16 -26.66
O2 SO4 E . 24.23 27.25 -27.47
O3 SO4 E . 22.46 26.64 -29.04
O4 SO4 E . 23.76 24.90 -27.90
S SO4 F . -1.75 23.42 20.54
O1 SO4 F . -2.66 24.54 20.17
O2 SO4 F . -1.63 23.21 22.00
O3 SO4 F . -2.17 22.13 19.94
O4 SO4 F . -0.42 23.84 19.99
S SO4 G . 1.73 10.16 3.81
O1 SO4 G . 1.93 11.42 3.05
O2 SO4 G . 1.55 10.50 5.25
O3 SO4 G . 0.48 9.46 3.41
O4 SO4 G . 2.92 9.27 3.71
S SO4 H . -4.11 -0.81 18.07
O1 SO4 H . -4.31 -0.49 19.52
O2 SO4 H . -3.01 0.04 17.52
O3 SO4 H . -3.77 -2.26 17.87
O4 SO4 H . -5.36 -0.51 17.31
S SO4 I . 7.35 28.45 3.75
O1 SO4 I . 7.42 28.65 5.23
O2 SO4 I . 6.16 29.17 3.21
O3 SO4 I . 7.25 26.93 3.46
O4 SO4 I . 8.62 28.85 3.06
S SO4 J . 4.89 13.46 24.01
O1 SO4 J . 3.60 13.65 24.71
O2 SO4 J . 5.37 14.78 23.47
O3 SO4 J . 5.90 12.94 24.99
O4 SO4 J . 4.73 12.54 22.80
S SO4 K . 34.42 4.99 6.01
O1 SO4 K . 33.33 4.93 6.99
O2 SO4 K . 34.69 6.39 5.66
O3 SO4 K . 35.64 4.37 6.59
O4 SO4 K . 34.04 4.22 4.79
S SO4 L . -2.52 4.98 17.38
O1 SO4 L . -3.01 4.28 18.61
O2 SO4 L . -1.84 6.26 17.70
O3 SO4 L . -1.50 4.09 16.73
O4 SO4 L . -3.64 5.20 16.43
S SO4 M . 25.94 4.22 -3.95
O1 SO4 M . 25.22 5.48 -4.26
O2 SO4 M . 27.42 4.42 -4.04
O3 SO4 M . 25.46 3.18 -4.93
O4 SO4 M . 25.63 3.78 -2.54
S SO4 N . 9.91 -19.84 7.21
O1 SO4 N . 9.90 -18.34 7.04
O2 SO4 N . 10.80 -20.17 8.31
O3 SO4 N . 8.51 -20.22 7.55
O4 SO4 N . 10.23 -20.46 5.95
S SO4 O . -46.12 -20.59 1.52
O1 SO4 O . -46.67 -19.93 0.30
O2 SO4 O . -45.39 -19.53 2.35
O3 SO4 O . -47.22 -21.26 2.27
O4 SO4 O . -45.11 -21.63 1.09
S SO4 P . -43.06 -31.30 7.23
O1 SO4 P . -41.95 -31.26 6.24
O2 SO4 P . -43.05 -30.01 7.99
O3 SO4 P . -42.77 -32.45 8.14
O4 SO4 P . -44.36 -31.41 6.50
S SO4 Q . -23.48 -31.06 6.03
O1 SO4 Q . -23.67 -29.63 6.56
O2 SO4 Q . -22.32 -30.98 5.09
O3 SO4 Q . -24.70 -31.49 5.27
O4 SO4 Q . -23.26 -31.99 7.20
S SO4 R . -15.41 -1.92 -2.57
O1 SO4 R . -14.89 -0.94 -1.56
O2 SO4 R . -16.84 -1.58 -2.75
O3 SO4 R . -15.23 -3.30 -2.06
O4 SO4 R . -14.73 -1.87 -3.89
S SO4 S . -30.99 -14.95 14.02
O1 SO4 S . -32.05 -14.12 14.66
O2 SO4 S . -29.88 -15.10 14.98
O3 SO4 S . -31.56 -16.27 13.64
O4 SO4 S . -30.55 -14.26 12.78
S SO4 T . -25.50 -11.86 9.24
O1 SO4 T . -26.57 -11.15 9.99
O2 SO4 T . -24.37 -10.96 8.92
O3 SO4 T . -24.97 -12.98 10.07
O4 SO4 T . -26.08 -12.41 7.98
#